data_6W5Q
#
_entry.id   6W5Q
#
_cell.length_a   48.757
_cell.length_b   154.584
_cell.length_c   54.083
_cell.angle_alpha   90.000
_cell.angle_beta   90.150
_cell.angle_gamma   90.000
#
_symmetry.space_group_name_H-M   'P 1 21 1'
#
loop_
_entity.id
_entity.type
_entity.pdbx_description
1 polymer 'Peptidoglycan synthase activator LpoP'
2 non-polymer 'SULFATE ION'
3 non-polymer 'TRIETHYLENE GLYCOL'
4 water water
#
_entity_poly.entity_id   1
_entity_poly.type   'polypeptide(L)'
_entity_poly.pdbx_seq_one_letter_code
;SAGSLAADEQLDGPVLAMLTTAQQQQGSGDLNSAAASLERAQRIAPREPQVLYRLAQVRLAQGDAAQAEQVARRGLSYAN
GRPALQAGLWELIAQAREKQGDSAGAALARQKAKVS
;
_entity_poly.pdbx_strand_id   A,B,C,D,E,F,G,H
#
loop_
_chem_comp.id
_chem_comp.type
_chem_comp.name
_chem_comp.formula
PGE non-polymer 'TRIETHYLENE GLYCOL' 'C6 H14 O4'
SO4 non-polymer 'SULFATE ION' 'O4 S -2'
#
# COMPACT_ATOMS: atom_id res chain seq x y z
N LEU A 11 -6.20 19.56 24.24
CA LEU A 11 -4.84 19.63 23.70
C LEU A 11 -4.83 20.40 22.39
N ASP A 12 -3.76 21.18 22.18
CA ASP A 12 -3.64 21.96 20.95
C ASP A 12 -3.25 21.01 19.81
N GLY A 13 -4.22 20.75 18.93
CA GLY A 13 -4.05 19.85 17.81
C GLY A 13 -2.88 20.14 16.89
N PRO A 14 -2.77 21.37 16.37
CA PRO A 14 -1.68 21.65 15.43
C PRO A 14 -0.31 21.39 16.00
N VAL A 15 0.00 21.90 17.20
CA VAL A 15 1.31 21.66 17.76
C VAL A 15 1.50 20.17 18.00
N LEU A 16 0.48 19.50 18.54
CA LEU A 16 0.62 18.08 18.83
C LEU A 16 0.78 17.28 17.54
N ALA A 17 0.10 17.69 16.47
CA ALA A 17 0.27 16.99 15.20
C ALA A 17 1.73 17.02 14.75
N MET A 18 2.36 18.20 14.82
CA MET A 18 3.75 18.32 14.39
C MET A 18 4.70 17.52 15.29
N LEU A 19 4.50 17.59 16.61
CA LEU A 19 5.25 16.76 17.53
C LEU A 19 5.09 15.28 17.20
N THR A 20 3.84 14.84 17.05
CA THR A 20 3.58 13.44 16.68
C THR A 20 4.28 13.06 15.40
N THR A 21 4.17 13.92 14.38
CA THR A 21 4.85 13.67 13.11
C THR A 21 6.37 13.64 13.30
N ALA A 22 6.91 14.62 14.04
CA ALA A 22 8.35 14.62 14.34
C ALA A 22 8.80 13.33 14.99
N GLN A 23 8.04 12.84 15.98
CA GLN A 23 8.45 11.63 16.69
C GLN A 23 8.40 10.40 15.78
N GLN A 24 7.41 10.34 14.88
CA GLN A 24 7.36 9.24 13.91
C GLN A 24 8.58 9.28 12.99
N GLN A 25 9.03 10.48 12.61
CA GLN A 25 10.18 10.61 11.73
C GLN A 25 11.49 10.30 12.45
N GLN A 26 11.68 10.87 13.65
CA GLN A 26 12.82 10.50 14.47
C GLN A 26 12.84 9.01 14.70
N GLY A 27 11.69 8.45 15.08
CA GLY A 27 11.61 7.02 15.34
C GLY A 27 12.00 6.19 14.15
N SER A 28 11.78 6.71 12.95
CA SER A 28 12.08 6.01 11.72
C SER A 28 13.52 6.20 11.25
N GLY A 29 14.28 7.10 11.88
CA GLY A 29 15.64 7.38 11.46
C GLY A 29 15.82 8.61 10.60
N ASP A 30 14.77 9.40 10.40
CA ASP A 30 14.82 10.61 9.56
C ASP A 30 14.87 11.83 10.48
N LEU A 31 16.06 12.04 11.05
CA LEU A 31 16.26 13.18 11.93
C LEU A 31 16.17 14.50 11.17
N ASN A 32 16.44 14.50 9.87
CA ASN A 32 16.34 15.71 9.06
C ASN A 32 14.88 16.20 8.99
N SER A 33 13.96 15.30 8.66
CA SER A 33 12.54 15.67 8.59
C SER A 33 11.99 16.00 9.97
N ALA A 34 12.34 15.18 10.97
CA ALA A 34 11.96 15.49 12.34
C ALA A 34 12.31 16.92 12.69
N ALA A 35 13.54 17.32 12.37
CA ALA A 35 13.93 18.70 12.64
C ALA A 35 13.05 19.66 11.84
N ALA A 36 12.80 19.36 10.56
CA ALA A 36 11.92 20.19 9.74
C ALA A 36 10.52 20.26 10.35
N SER A 37 9.99 19.12 10.82
CA SER A 37 8.66 19.12 11.45
C SER A 37 8.65 19.94 12.72
N LEU A 38 9.74 19.91 13.48
CA LEU A 38 9.78 20.72 14.70
C LEU A 38 9.96 22.19 14.38
N GLU A 39 10.68 22.54 13.30
CA GLU A 39 10.75 23.94 12.94
C GLU A 39 9.40 24.44 12.42
N ARG A 40 8.58 23.55 11.86
CA ARG A 40 7.22 23.95 11.49
C ARG A 40 6.37 24.13 12.74
N ALA A 41 6.59 23.29 13.76
CA ALA A 41 5.89 23.46 15.04
C ALA A 41 6.12 24.83 15.64
N GLN A 42 7.34 25.39 15.49
CA GLN A 42 7.65 26.72 16.01
C GLN A 42 6.88 27.83 15.33
N ARG A 43 6.48 27.65 14.07
CA ARG A 43 5.65 28.66 13.42
C ARG A 43 4.30 28.81 14.10
N ILE A 44 3.80 27.74 14.70
CA ILE A 44 2.57 27.76 15.48
C ILE A 44 2.83 28.17 16.93
N ALA A 45 3.91 27.68 17.51
CA ALA A 45 4.16 27.84 18.95
C ALA A 45 5.61 28.22 19.15
N PRO A 46 5.97 29.49 18.86
CA PRO A 46 7.38 29.89 18.93
C PRO A 46 7.96 29.86 20.34
N ARG A 47 7.12 29.74 21.36
CA ARG A 47 7.53 29.89 22.76
C ARG A 47 7.25 28.62 23.56
N GLU A 48 7.00 27.50 22.87
CA GLU A 48 6.68 26.25 23.56
C GLU A 48 7.96 25.52 23.95
N PRO A 49 8.31 25.44 25.23
CA PRO A 49 9.55 24.73 25.60
C PRO A 49 9.53 23.26 25.23
N GLN A 50 8.36 22.62 25.21
CA GLN A 50 8.32 21.22 24.83
C GLN A 50 8.70 21.02 23.37
N VAL A 51 8.38 21.98 22.51
CA VAL A 51 8.85 21.91 21.13
C VAL A 51 10.36 22.01 21.11
N LEU A 52 10.91 22.98 21.83
CA LEU A 52 12.36 23.19 21.86
C LEU A 52 13.08 22.00 22.45
N TYR A 53 12.48 21.38 23.48
CA TYR A 53 13.05 20.17 24.07
C TYR A 53 13.26 19.08 23.04
N ARG A 54 12.24 18.81 22.23
CA ARG A 54 12.35 17.77 21.20
C ARG A 54 13.30 18.20 20.10
N LEU A 55 13.26 19.48 19.74
CA LEU A 55 14.16 19.99 18.72
C LEU A 55 15.61 19.83 19.16
N ALA A 56 15.92 20.18 20.41
CA ALA A 56 17.28 20.02 20.92
C ALA A 56 17.67 18.55 20.91
N GLN A 57 16.72 17.66 21.18
CA GLN A 57 17.02 16.24 21.18
C GLN A 57 17.43 15.76 19.79
N VAL A 58 16.65 16.13 18.77
CA VAL A 58 16.93 15.71 17.41
C VAL A 58 18.28 16.23 16.94
N ARG A 59 18.58 17.51 17.24
CA ARG A 59 19.88 18.06 16.85
C ARG A 59 20.99 17.34 17.59
N LEU A 60 20.79 17.08 18.88
CA LEU A 60 21.80 16.33 19.62
C LEU A 60 21.98 14.95 19.00
N ALA A 61 20.89 14.31 18.61
CA ALA A 61 21.01 13.00 18.00
C ALA A 61 21.70 13.06 16.64
N GLN A 62 21.62 14.20 15.93
CA GLN A 62 22.38 14.35 14.69
C GLN A 62 23.85 14.62 14.94
N GLY A 63 24.28 14.73 16.19
CA GLY A 63 25.65 15.13 16.49
C GLY A 63 25.90 16.62 16.51
N ASP A 64 24.85 17.45 16.38
CA ASP A 64 25.02 18.91 16.35
C ASP A 64 24.85 19.48 17.76
N ALA A 65 25.90 19.22 18.57
CA ALA A 65 25.83 19.45 20.01
C ALA A 65 25.72 20.93 20.35
N ALA A 66 26.61 21.77 19.81
CA ALA A 66 26.55 23.19 20.09
C ALA A 66 25.19 23.78 19.70
N GLN A 67 24.64 23.34 18.57
CA GLN A 67 23.30 23.77 18.15
C GLN A 67 22.26 23.37 19.18
N ALA A 68 22.23 22.07 19.54
CA ALA A 68 21.28 21.54 20.51
C ALA A 68 21.32 22.31 21.81
N GLU A 69 22.52 22.68 22.24
CA GLU A 69 22.68 23.34 23.52
C GLU A 69 21.92 24.67 23.53
N GLN A 70 22.03 25.44 22.44
CA GLN A 70 21.39 26.76 22.41
C GLN A 70 19.88 26.65 22.31
N VAL A 71 19.38 25.66 21.56
CA VAL A 71 17.94 25.44 21.52
C VAL A 71 17.43 25.04 22.89
N ALA A 72 18.13 24.11 23.55
CA ALA A 72 17.71 23.70 24.89
C ALA A 72 17.81 24.84 25.89
N ARG A 73 18.85 25.67 25.76
CA ARG A 73 19.00 26.81 26.66
C ARG A 73 17.91 27.83 26.41
N ARG A 74 17.45 27.92 25.17
CA ARG A 74 16.31 28.79 24.89
C ARG A 74 15.02 28.19 25.46
N GLY A 75 14.76 26.91 25.22
CA GLY A 75 13.59 26.28 25.83
C GLY A 75 13.53 26.50 27.32
N LEU A 76 14.67 26.42 27.99
CA LEU A 76 14.75 26.64 29.43
C LEU A 76 14.19 28.00 29.84
N SER A 77 14.53 29.05 29.10
CA SER A 77 14.00 30.37 29.45
C SER A 77 12.47 30.44 29.37
N TYR A 78 11.83 29.52 28.65
CA TYR A 78 10.37 29.49 28.55
C TYR A 78 9.76 28.46 29.47
N ALA A 79 10.60 27.68 30.17
CA ALA A 79 10.17 26.56 30.97
C ALA A 79 9.93 26.93 32.43
N ASN A 80 9.84 28.23 32.73
CA ASN A 80 9.74 28.66 34.12
C ASN A 80 8.51 28.09 34.80
N GLY A 81 8.72 27.55 36.01
CA GLY A 81 7.65 26.89 36.73
C GLY A 81 7.21 25.59 36.08
N ARG A 82 8.15 24.86 35.47
CA ARG A 82 7.87 23.55 34.85
C ARG A 82 9.05 22.64 35.19
N PRO A 83 9.13 22.17 36.44
CA PRO A 83 10.40 21.60 36.93
C PRO A 83 10.83 20.33 36.22
N ALA A 84 9.90 19.42 35.96
CA ALA A 84 10.25 18.20 35.23
C ALA A 84 10.87 18.53 33.88
N LEU A 85 10.34 19.56 33.21
CA LEU A 85 10.83 19.93 31.89
C LEU A 85 12.18 20.62 31.98
N GLN A 86 12.37 21.47 32.99
CA GLN A 86 13.66 22.12 33.18
C GLN A 86 14.74 21.09 33.48
N ALA A 87 14.43 20.12 34.33
CA ALA A 87 15.34 19.00 34.59
C ALA A 87 15.71 18.31 33.28
N GLY A 88 14.72 18.00 32.46
CA GLY A 88 15.00 17.40 31.17
C GLY A 88 15.91 18.24 30.31
N LEU A 89 15.62 19.54 30.21
CA LEU A 89 16.43 20.44 29.38
C LEU A 89 17.86 20.53 29.90
N TRP A 90 18.05 20.61 31.23
CA TRP A 90 19.41 20.68 31.74
C TRP A 90 20.18 19.40 31.42
N GLU A 91 19.55 18.23 31.54
CA GLU A 91 20.22 16.98 31.16
C GLU A 91 20.63 17.01 29.69
N LEU A 92 19.76 17.53 28.82
CA LEU A 92 20.14 17.73 27.42
C LEU A 92 21.34 18.66 27.30
N ILE A 93 21.37 19.73 28.09
CA ILE A 93 22.48 20.66 28.02
C ILE A 93 23.78 20.00 28.48
N ALA A 94 23.69 19.21 29.56
CA ALA A 94 24.83 18.43 30.03
C ALA A 94 25.37 17.53 28.93
N GLN A 95 24.47 16.84 28.23
CA GLN A 95 24.90 15.91 27.20
C GLN A 95 25.51 16.64 26.03
N ALA A 96 25.01 17.83 25.73
CA ALA A 96 25.59 18.65 24.67
C ALA A 96 26.96 19.19 25.05
N ARG A 97 27.17 19.57 26.33
CA ARG A 97 28.50 20.00 26.76
C ARG A 97 29.48 18.85 26.67
N GLU A 98 29.08 17.67 27.16
CA GLU A 98 29.90 16.46 27.10
C GLU A 98 30.40 16.19 25.68
N LYS A 99 29.51 16.24 24.70
CA LYS A 99 29.90 15.90 23.35
C LYS A 99 30.78 16.97 22.73
N GLN A 100 30.81 18.16 23.33
CA GLN A 100 31.74 19.22 22.94
C GLN A 100 33.07 19.12 23.69
N GLY A 101 33.27 18.06 24.46
CA GLY A 101 34.49 17.90 25.22
C GLY A 101 34.52 18.65 26.54
N ASP A 102 33.36 19.02 27.07
CA ASP A 102 33.26 19.90 28.23
C ASP A 102 32.63 19.15 29.41
N SER A 103 33.45 18.43 30.18
CA SER A 103 32.91 17.68 31.30
C SER A 103 32.61 18.57 32.51
N ALA A 104 33.23 19.74 32.64
CA ALA A 104 32.89 20.64 33.74
C ALA A 104 31.49 21.23 33.56
N GLY A 105 31.24 21.88 32.42
CA GLY A 105 29.91 22.38 32.12
C GLY A 105 28.83 21.31 32.10
N ALA A 106 29.19 20.07 31.81
CA ALA A 106 28.23 18.97 31.87
C ALA A 106 27.87 18.63 33.32
N ALA A 107 28.86 18.62 34.22
CA ALA A 107 28.56 18.34 35.62
C ALA A 107 27.77 19.48 36.25
N LEU A 108 28.10 20.71 35.86
CA LEU A 108 27.43 21.86 36.41
C LEU A 108 26.00 21.91 35.93
N ALA A 109 25.75 21.39 34.73
CA ALA A 109 24.39 21.37 34.21
C ALA A 109 23.57 20.29 34.90
N ARG A 110 24.17 19.11 35.09
CA ARG A 110 23.48 18.03 35.79
C ARG A 110 23.22 18.41 37.24
N GLN A 111 24.03 19.31 37.79
CA GLN A 111 23.78 19.84 39.13
C GLN A 111 22.50 20.67 39.18
N LYS A 112 22.24 21.45 38.11
CA LYS A 112 21.05 22.29 38.06
C LYS A 112 19.81 21.46 37.79
N ALA A 113 19.95 20.36 37.06
CA ALA A 113 18.83 19.47 36.84
C ALA A 113 18.37 18.84 38.15
N LYS A 114 19.31 18.60 39.07
CA LYS A 114 19.00 17.88 40.32
C LYS A 114 18.44 18.80 41.38
N VAL A 115 18.71 20.09 41.31
CA VAL A 115 18.12 21.05 42.25
C VAL A 115 17.62 22.25 41.47
N SER A 116 16.36 22.21 41.05
CA SER A 116 15.80 23.30 40.26
C SER A 116 14.71 24.01 41.05
N ASP B 12 12.73 2.05 1.66
CA ASP B 12 12.57 2.38 0.24
C ASP B 12 12.52 1.10 -0.63
N GLY B 13 11.38 0.89 -1.23
CA GLY B 13 11.13 -0.38 -1.93
C GLY B 13 12.09 -0.74 -3.04
N PRO B 14 12.46 0.18 -3.92
CA PRO B 14 13.41 -0.20 -4.99
C PRO B 14 14.74 -0.71 -4.48
N VAL B 15 15.32 -0.11 -3.43
CA VAL B 15 16.53 -0.67 -2.84
C VAL B 15 16.23 -2.06 -2.27
N LEU B 16 15.14 -2.18 -1.51
CA LEU B 16 14.75 -3.46 -0.94
C LEU B 16 14.64 -4.55 -2.02
N ALA B 17 14.03 -4.23 -3.17
CA ALA B 17 13.90 -5.23 -4.21
C ALA B 17 15.27 -5.70 -4.71
N MET B 18 16.22 -4.75 -4.83
CA MET B 18 17.57 -5.13 -5.25
C MET B 18 18.28 -5.94 -4.18
N LEU B 19 18.13 -5.55 -2.91
CA LEU B 19 18.69 -6.31 -1.81
C LEU B 19 18.14 -7.73 -1.81
N THR B 20 16.83 -7.86 -2.02
CA THR B 20 16.19 -9.17 -2.06
C THR B 20 16.63 -9.98 -3.27
N THR B 21 16.81 -9.31 -4.42
CA THR B 21 17.34 -9.98 -5.60
C THR B 21 18.74 -10.51 -5.35
N ALA B 22 19.59 -9.70 -4.72
CA ALA B 22 20.94 -10.12 -4.40
C ALA B 22 20.95 -11.26 -3.39
N GLN B 23 20.08 -11.19 -2.39
CA GLN B 23 20.00 -12.26 -1.40
C GLN B 23 19.66 -13.58 -2.08
N GLN B 24 18.67 -13.55 -2.98
CA GLN B 24 18.34 -14.74 -3.77
C GLN B 24 19.52 -15.16 -4.64
N GLN B 25 20.20 -14.19 -5.27
CA GLN B 25 21.34 -14.51 -6.10
C GLN B 25 22.48 -15.09 -5.28
N GLN B 26 22.73 -14.54 -4.08
CA GLN B 26 23.77 -15.09 -3.22
C GLN B 26 23.44 -16.49 -2.75
N GLY B 27 22.18 -16.74 -2.41
CA GLY B 27 21.77 -18.07 -1.96
C GLY B 27 21.84 -19.15 -3.02
N SER B 28 22.02 -18.79 -4.29
CA SER B 28 22.17 -19.81 -5.34
C SER B 28 23.62 -20.02 -5.72
N GLY B 29 24.56 -19.36 -5.04
CA GLY B 29 25.97 -19.45 -5.35
C GLY B 29 26.46 -18.47 -6.38
N ASP B 30 25.61 -17.57 -6.87
CA ASP B 30 25.99 -16.59 -7.90
C ASP B 30 26.33 -15.26 -7.22
N LEU B 31 27.55 -15.20 -6.67
CA LEU B 31 27.99 -13.98 -6.00
C LEU B 31 28.28 -12.84 -6.99
N ASN B 32 28.70 -13.17 -8.22
CA ASN B 32 28.96 -12.12 -9.20
C ASN B 32 27.70 -11.34 -9.52
N SER B 33 26.57 -12.05 -9.67
CA SER B 33 25.31 -11.40 -9.98
C SER B 33 24.78 -10.65 -8.77
N ALA B 34 24.91 -11.24 -7.58
CA ALA B 34 24.54 -10.53 -6.37
C ALA B 34 25.31 -9.22 -6.27
N ALA B 35 26.60 -9.25 -6.59
CA ALA B 35 27.38 -8.02 -6.58
C ALA B 35 26.84 -7.03 -7.61
N ALA B 36 26.48 -7.51 -8.81
CA ALA B 36 25.91 -6.63 -9.83
C ALA B 36 24.64 -5.96 -9.34
N SER B 37 23.78 -6.72 -8.65
CA SER B 37 22.54 -6.16 -8.11
C SER B 37 22.78 -5.15 -6.99
N LEU B 38 23.84 -5.34 -6.19
CA LEU B 38 24.10 -4.37 -5.14
C LEU B 38 24.73 -3.10 -5.70
N GLU B 39 25.59 -3.22 -6.73
CA GLU B 39 26.03 -2.03 -7.46
C GLU B 39 24.87 -1.32 -8.15
N ARG B 40 23.83 -2.06 -8.57
CA ARG B 40 22.63 -1.40 -9.09
C ARG B 40 21.88 -0.66 -8.00
N ALA B 41 21.78 -1.27 -6.81
CA ALA B 41 21.16 -0.59 -5.67
C ALA B 41 21.85 0.73 -5.37
N GLN B 42 23.17 0.79 -5.54
CA GLN B 42 23.88 2.05 -5.30
C GLN B 42 23.49 3.14 -6.27
N ARG B 43 22.95 2.80 -7.45
CA ARG B 43 22.47 3.87 -8.32
C ARG B 43 21.26 4.56 -7.70
N ILE B 44 20.54 3.84 -6.85
CA ILE B 44 19.36 4.36 -6.18
C ILE B 44 19.70 4.98 -4.83
N ALA B 45 20.56 4.34 -4.06
CA ALA B 45 20.92 4.77 -2.71
C ALA B 45 22.44 4.69 -2.60
N PRO B 46 23.16 5.72 -3.05
CA PRO B 46 24.62 5.64 -3.04
C PRO B 46 25.22 5.63 -1.63
N ARG B 47 24.54 6.21 -0.65
CA ARG B 47 25.06 6.34 0.71
C ARG B 47 24.34 5.45 1.69
N GLU B 48 23.85 4.29 1.26
CA GLU B 48 23.07 3.44 2.15
C GLU B 48 24.00 2.42 2.77
N PRO B 49 24.29 2.50 4.08
CA PRO B 49 25.26 1.57 4.66
C PRO B 49 24.79 0.14 4.60
N GLN B 50 23.49 -0.08 4.68
CA GLN B 50 22.95 -1.43 4.57
C GLN B 50 23.31 -2.05 3.22
N VAL B 51 23.29 -1.25 2.14
CA VAL B 51 23.70 -1.78 0.83
C VAL B 51 25.19 -2.12 0.84
N LEU B 52 26.01 -1.26 1.42
CA LEU B 52 27.45 -1.49 1.37
C LEU B 52 27.88 -2.62 2.29
N TYR B 53 27.17 -2.82 3.40
CA TYR B 53 27.38 -3.99 4.24
C TYR B 53 27.19 -5.29 3.44
N ARG B 54 26.05 -5.36 2.78
CA ARG B 54 25.85 -6.56 1.84
CA ARG B 54 25.82 -6.49 1.82
C ARG B 54 26.88 -6.74 0.68
N LEU B 55 27.23 -5.58 0.09
CA LEU B 55 28.21 -5.62 -0.97
C LEU B 55 29.56 -6.09 -0.41
N ALA B 56 29.98 -5.52 0.73
CA ALA B 56 31.20 -5.99 1.38
C ALA B 56 31.12 -7.48 1.69
N GLN B 57 29.96 -7.95 2.15
CA GLN B 57 29.84 -9.37 2.47
C GLN B 57 30.02 -10.22 1.23
N VAL B 58 29.41 -9.81 0.11
CA VAL B 58 29.53 -10.60 -1.11
C VAL B 58 30.97 -10.61 -1.59
N ARG B 59 31.62 -9.43 -1.58
CA ARG B 59 33.02 -9.34 -1.99
C ARG B 59 33.91 -10.21 -1.12
N LEU B 60 33.69 -10.16 0.20
CA LEU B 60 34.50 -10.97 1.10
C LEU B 60 34.26 -12.45 0.82
N ALA B 61 33.01 -12.82 0.49
CA ALA B 61 32.70 -14.20 0.14
C ALA B 61 33.34 -14.62 -1.16
N GLN B 62 33.63 -13.66 -2.06
CA GLN B 62 34.39 -13.94 -3.27
C GLN B 62 35.89 -14.09 -3.01
N GLY B 63 36.37 -13.78 -1.82
CA GLY B 63 37.79 -13.74 -1.55
C GLY B 63 38.44 -12.40 -1.83
N ASP B 64 37.65 -11.39 -2.22
CA ASP B 64 38.19 -10.05 -2.47
C ASP B 64 38.18 -9.24 -1.18
N ALA B 65 39.10 -9.62 -0.29
CA ALA B 65 39.11 -9.08 1.07
C ALA B 65 39.52 -7.60 1.10
N ALA B 66 40.58 -7.24 0.38
CA ALA B 66 40.99 -5.84 0.36
C ALA B 66 39.88 -4.95 -0.20
N GLN B 67 39.20 -5.39 -1.27
CA GLN B 67 38.04 -4.64 -1.75
C GLN B 67 36.95 -4.59 -0.69
N ALA B 68 36.62 -5.74 -0.13
CA ALA B 68 35.56 -5.82 0.85
C ALA B 68 35.83 -4.89 2.04
N GLU B 69 37.07 -4.87 2.51
CA GLU B 69 37.41 -4.00 3.63
C GLU B 69 37.15 -2.52 3.29
N GLN B 70 37.49 -2.11 2.07
CA GLN B 70 37.26 -0.71 1.68
C GLN B 70 35.77 -0.41 1.46
N VAL B 71 35.00 -1.38 0.97
CA VAL B 71 33.56 -1.14 0.87
C VAL B 71 32.94 -1.01 2.26
N ALA B 72 33.35 -1.89 3.20
CA ALA B 72 32.81 -1.84 4.56
C ALA B 72 33.21 -0.55 5.26
N ARG B 73 34.48 -0.14 5.13
CA ARG B 73 34.92 1.08 5.77
C ARG B 73 34.17 2.30 5.23
N ARG B 74 33.73 2.25 3.97
CA ARG B 74 32.88 3.31 3.45
C ARG B 74 31.49 3.23 4.07
N GLY B 75 30.98 2.01 4.21
CA GLY B 75 29.72 1.83 4.90
C GLY B 75 29.72 2.45 6.29
N LEU B 76 30.83 2.28 7.02
CA LEU B 76 30.92 2.77 8.40
C LEU B 76 30.77 4.28 8.46
N SER B 77 31.32 4.99 7.48
CA SER B 77 31.25 6.45 7.50
C SER B 77 29.83 6.97 7.33
N TYR B 78 28.89 6.09 6.95
CA TYR B 78 27.48 6.40 6.75
C TYR B 78 26.58 5.83 7.85
N ALA B 79 27.10 4.92 8.67
CA ALA B 79 26.31 4.23 9.67
C ALA B 79 26.41 4.87 11.04
N ASN B 80 26.93 6.09 11.13
CA ASN B 80 27.06 6.71 12.44
C ASN B 80 25.68 6.98 13.01
N GLY B 81 25.54 6.77 14.31
CA GLY B 81 24.26 6.71 14.95
C GLY B 81 23.49 5.42 14.74
N ARG B 82 24.12 4.38 14.18
CA ARG B 82 23.49 3.08 13.93
C ARG B 82 24.43 1.99 14.42
N PRO B 83 24.36 1.63 15.71
CA PRO B 83 25.40 0.77 16.29
C PRO B 83 25.36 -0.66 15.79
N ALA B 84 24.20 -1.21 15.47
CA ALA B 84 24.12 -2.58 14.98
C ALA B 84 24.90 -2.72 13.68
N LEU B 85 24.69 -1.78 12.74
CA LEU B 85 25.41 -1.79 11.48
C LEU B 85 26.89 -1.57 11.69
N GLN B 86 27.26 -0.65 12.59
CA GLN B 86 28.67 -0.37 12.82
C GLN B 86 29.39 -1.61 13.32
N ALA B 87 28.76 -2.36 14.23
CA ALA B 87 29.38 -3.58 14.74
C ALA B 87 29.50 -4.61 13.63
N GLY B 88 28.40 -4.82 12.88
CA GLY B 88 28.45 -5.72 11.75
C GLY B 88 29.54 -5.36 10.74
N LEU B 89 29.70 -4.07 10.45
CA LEU B 89 30.75 -3.63 9.53
C LEU B 89 32.14 -3.88 10.10
N TRP B 90 32.37 -3.54 11.38
CA TRP B 90 33.70 -3.80 11.96
C TRP B 90 34.02 -5.28 11.98
N GLU B 91 33.05 -6.12 12.37
CA GLU B 91 33.30 -7.57 12.31
C GLU B 91 33.64 -8.01 10.89
N LEU B 92 32.92 -7.49 9.89
CA LEU B 92 33.26 -7.80 8.51
C LEU B 92 34.70 -7.37 8.20
N ILE B 93 35.10 -6.18 8.65
CA ILE B 93 36.45 -5.71 8.41
C ILE B 93 37.48 -6.61 9.10
N ALA B 94 37.15 -7.10 10.30
CA ALA B 94 38.05 -7.99 11.02
C ALA B 94 38.28 -9.27 10.23
N GLN B 95 37.23 -9.80 9.62
CA GLN B 95 37.41 -11.00 8.81
C GLN B 95 38.19 -10.70 7.53
N ALA B 96 38.06 -9.46 7.02
CA ALA B 96 38.82 -9.09 5.84
C ALA B 96 40.31 -9.00 6.15
N ARG B 97 40.66 -8.39 7.29
CA ARG B 97 42.05 -8.35 7.72
C ARG B 97 42.62 -9.77 7.90
N GLU B 98 41.84 -10.67 8.53
CA GLU B 98 42.26 -12.06 8.73
C GLU B 98 42.60 -12.75 7.41
N LYS B 99 41.70 -12.64 6.41
CA LYS B 99 41.98 -13.17 5.08
C LYS B 99 43.29 -12.64 4.52
N GLN B 100 43.55 -11.34 4.67
CA GLN B 100 44.82 -10.75 4.24
C GLN B 100 45.96 -11.07 5.21
N GLY B 101 45.75 -11.96 6.17
CA GLY B 101 46.82 -12.39 7.04
C GLY B 101 47.26 -11.38 8.06
N ASP B 102 46.36 -10.47 8.45
CA ASP B 102 46.64 -9.42 9.42
C ASP B 102 45.83 -9.69 10.68
N SER B 103 46.36 -10.54 11.55
CA SER B 103 45.67 -10.83 12.80
C SER B 103 45.62 -9.61 13.72
N ALA B 104 46.58 -8.68 13.59
CA ALA B 104 46.57 -7.52 14.47
C ALA B 104 45.43 -6.58 14.09
N GLY B 105 45.32 -6.24 12.81
CA GLY B 105 44.16 -5.47 12.36
C GLY B 105 42.86 -6.15 12.70
N ALA B 106 42.79 -7.47 12.51
CA ALA B 106 41.56 -8.18 12.80
C ALA B 106 41.18 -8.02 14.27
N ALA B 107 42.13 -8.26 15.18
CA ALA B 107 41.84 -8.12 16.60
C ALA B 107 41.42 -6.70 16.94
N LEU B 108 42.10 -5.72 16.36
CA LEU B 108 41.78 -4.34 16.72
C LEU B 108 40.44 -3.93 16.13
N ALA B 109 40.11 -4.43 14.94
CA ALA B 109 38.79 -4.17 14.38
C ALA B 109 37.70 -4.76 15.27
N ARG B 110 37.92 -5.96 15.81
CA ARG B 110 36.93 -6.59 16.68
C ARG B 110 36.76 -5.85 18.00
N GLN B 111 37.76 -5.12 18.48
CA GLN B 111 37.52 -4.27 19.64
C GLN B 111 36.45 -3.25 19.32
N LYS B 112 36.59 -2.61 18.16
CA LYS B 112 35.65 -1.57 17.75
C LYS B 112 34.25 -2.13 17.58
N ALA B 113 34.12 -3.38 17.09
CA ALA B 113 32.82 -3.98 16.88
C ALA B 113 32.05 -4.18 18.18
N LYS B 114 32.74 -4.52 19.27
CA LYS B 114 32.11 -4.74 20.57
C LYS B 114 32.44 -3.53 21.45
N VAL B 115 31.64 -2.48 21.30
CA VAL B 115 31.87 -1.25 22.04
C VAL B 115 30.59 -0.44 22.09
N LEU C 11 19.00 -3.08 27.51
CA LEU C 11 19.65 -4.38 27.34
C LEU C 11 20.02 -4.59 25.87
N ASP C 12 19.98 -3.49 25.10
CA ASP C 12 20.26 -3.56 23.66
C ASP C 12 21.71 -3.91 23.37
N GLY C 13 22.63 -3.46 24.21
CA GLY C 13 24.04 -3.73 24.04
C GLY C 13 24.39 -5.21 24.06
N PRO C 14 24.01 -5.92 25.13
CA PRO C 14 24.33 -7.36 25.20
C PRO C 14 23.78 -8.13 24.02
N VAL C 15 22.54 -7.84 23.60
CA VAL C 15 22.00 -8.50 22.43
C VAL C 15 22.94 -8.31 21.24
N LEU C 16 23.32 -7.06 20.97
CA LEU C 16 24.19 -6.80 19.82
C LEU C 16 25.52 -7.53 19.94
N ALA C 17 26.10 -7.56 21.15
CA ALA C 17 27.38 -8.25 21.34
C ALA C 17 27.27 -9.73 20.97
N MET C 18 26.15 -10.36 21.29
CA MET C 18 25.98 -11.75 20.89
C MET C 18 25.76 -11.88 19.38
N LEU C 19 25.03 -10.93 18.79
CA LEU C 19 24.88 -10.92 17.33
C LEU C 19 26.25 -10.88 16.65
N THR C 20 27.16 -10.03 17.13
CA THR C 20 28.45 -9.96 16.46
C THR C 20 29.32 -11.18 16.75
N THR C 21 29.20 -11.77 17.94
CA THR C 21 29.89 -13.04 18.19
C THR C 21 29.43 -14.11 17.22
N ALA C 22 28.11 -14.30 17.10
CA ALA C 22 27.56 -15.23 16.13
C ALA C 22 28.09 -14.94 14.72
N GLN C 23 28.12 -13.67 14.35
CA GLN C 23 28.63 -13.32 13.03
C GLN C 23 30.09 -13.72 12.90
N GLN C 24 30.88 -13.55 13.96
CA GLN C 24 32.27 -13.98 13.94
C GLN C 24 32.37 -15.49 13.82
N GLN C 25 31.64 -16.21 14.68
CA GLN C 25 31.65 -17.67 14.61
C GLN C 25 31.14 -18.18 13.27
N GLN C 26 30.04 -17.62 12.76
CA GLN C 26 29.61 -18.04 11.42
C GLN C 26 30.72 -17.83 10.41
N GLY C 27 31.30 -16.61 10.38
CA GLY C 27 32.41 -16.34 9.48
C GLY C 27 33.59 -17.29 9.66
N SER C 28 33.74 -17.86 10.85
CA SER C 28 34.78 -18.87 11.04
C SER C 28 34.31 -20.26 10.64
N GLY C 29 33.08 -20.42 10.17
CA GLY C 29 32.56 -21.71 9.80
C GLY C 29 32.00 -22.52 10.95
N ASP C 30 31.97 -21.95 12.16
CA ASP C 30 31.42 -22.63 13.33
C ASP C 30 29.95 -22.25 13.51
N LEU C 31 29.13 -22.77 12.60
CA LEU C 31 27.71 -22.47 12.63
C LEU C 31 27.04 -22.97 13.90
N ASN C 32 27.59 -24.02 14.50
CA ASN C 32 27.01 -24.57 15.73
C ASN C 32 27.15 -23.61 16.90
N SER C 33 28.32 -22.96 17.02
CA SER C 33 28.48 -21.93 18.04
C SER C 33 27.68 -20.68 17.72
N ALA C 34 27.58 -20.32 16.43
CA ALA C 34 26.77 -19.17 16.04
C ALA C 34 25.32 -19.36 16.48
N ALA C 35 24.78 -20.57 16.27
CA ALA C 35 23.42 -20.86 16.69
C ALA C 35 23.27 -20.73 18.21
N ALA C 36 24.26 -21.23 18.96
CA ALA C 36 24.19 -21.14 20.42
C ALA C 36 24.22 -19.69 20.89
N SER C 37 25.08 -18.86 20.28
CA SER C 37 25.08 -17.43 20.62
C SER C 37 23.74 -16.78 20.31
N LEU C 38 23.16 -17.11 19.16
CA LEU C 38 21.84 -16.59 18.82
C LEU C 38 20.78 -17.11 19.78
N GLU C 39 20.84 -18.39 20.18
CA GLU C 39 19.92 -18.90 21.19
C GLU C 39 20.15 -18.19 22.51
N ARG C 40 21.39 -17.80 22.80
CA ARG C 40 21.66 -17.05 24.01
C ARG C 40 21.10 -15.64 23.93
N ALA C 41 21.18 -15.00 22.77
CA ALA C 41 20.55 -13.69 22.62
C ALA C 41 19.03 -13.77 22.79
N GLN C 42 18.43 -14.93 22.50
CA GLN C 42 17.00 -15.11 22.74
C GLN C 42 16.64 -15.06 24.22
N ARG C 43 17.59 -15.40 25.12
CA ARG C 43 17.30 -15.28 26.54
C ARG C 43 17.05 -13.82 26.93
N ILE C 44 17.66 -12.88 26.21
CA ILE C 44 17.47 -11.45 26.43
C ILE C 44 16.35 -10.87 25.58
N ALA C 45 16.35 -11.15 24.28
CA ALA C 45 15.42 -10.56 23.33
C ALA C 45 14.60 -11.69 22.71
N PRO C 46 13.62 -12.26 23.43
CA PRO C 46 12.97 -13.45 22.90
C PRO C 46 12.12 -13.17 21.67
N ARG C 47 11.68 -11.92 21.49
CA ARG C 47 10.73 -11.54 20.46
C ARG C 47 11.36 -10.65 19.39
N GLU C 48 12.66 -10.82 19.18
CA GLU C 48 13.36 -9.92 18.28
C GLU C 48 13.48 -10.58 16.92
N PRO C 49 12.77 -10.11 15.89
CA PRO C 49 12.87 -10.75 14.57
C PRO C 49 14.25 -10.65 13.95
N GLN C 50 15.10 -9.74 14.40
CA GLN C 50 16.45 -9.67 13.84
C GLN C 50 17.29 -10.86 14.29
N VAL C 51 17.21 -11.21 15.58
CA VAL C 51 17.83 -12.43 16.10
C VAL C 51 17.28 -13.65 15.36
N LEU C 52 15.95 -13.75 15.26
CA LEU C 52 15.36 -14.93 14.62
C LEU C 52 15.74 -15.03 13.16
N TYR C 53 15.92 -13.89 12.50
CA TYR C 53 16.35 -13.87 11.11
C TYR C 53 17.77 -14.41 10.98
N ARG C 54 18.68 -13.93 11.82
CA ARG C 54 20.04 -14.44 11.80
C ARG C 54 20.07 -15.91 12.17
N LEU C 55 19.25 -16.33 13.12
CA LEU C 55 19.28 -17.74 13.50
C LEU C 55 18.68 -18.62 12.41
N ALA C 56 17.59 -18.17 11.77
CA ALA C 56 17.08 -18.87 10.59
C ALA C 56 18.14 -19.00 9.52
N GLN C 57 18.95 -17.96 9.32
CA GLN C 57 20.04 -18.04 8.34
C GLN C 57 21.07 -19.09 8.72
N VAL C 58 21.49 -19.08 9.98
CA VAL C 58 22.48 -20.04 10.43
C VAL C 58 21.96 -21.47 10.26
N ARG C 59 20.70 -21.70 10.61
CA ARG C 59 20.18 -23.06 10.48
C ARG C 59 20.03 -23.45 9.02
N LEU C 60 19.70 -22.50 8.15
CA LEU C 60 19.62 -22.83 6.73
C LEU C 60 21.00 -23.19 6.18
N ALA C 61 22.03 -22.43 6.60
CA ALA C 61 23.40 -22.71 6.23
C ALA C 61 23.86 -24.06 6.75
N GLN C 62 23.38 -24.50 7.90
CA GLN C 62 23.69 -25.86 8.33
C GLN C 62 22.94 -26.92 7.53
N GLY C 63 21.93 -26.54 6.74
CA GLY C 63 21.12 -27.48 6.00
C GLY C 63 19.82 -27.90 6.68
N ASP C 64 19.43 -27.22 7.76
CA ASP C 64 18.22 -27.58 8.50
C ASP C 64 17.07 -26.69 8.02
N ALA C 65 16.67 -26.95 6.78
CA ALA C 65 15.75 -26.06 6.08
C ALA C 65 14.40 -26.03 6.77
N ALA C 66 13.90 -27.19 7.21
CA ALA C 66 12.60 -27.22 7.86
C ALA C 66 12.63 -26.42 9.16
N GLN C 67 13.72 -26.55 9.93
CA GLN C 67 13.89 -25.75 11.14
C GLN C 67 14.04 -24.27 10.80
N ALA C 68 14.88 -23.97 9.81
CA ALA C 68 15.05 -22.57 9.40
C ALA C 68 13.71 -21.95 9.04
N GLU C 69 12.87 -22.69 8.30
CA GLU C 69 11.59 -22.12 7.89
C GLU C 69 10.73 -21.76 9.09
N GLN C 70 10.71 -22.64 10.11
CA GLN C 70 9.92 -22.39 11.30
C GLN C 70 10.46 -21.21 12.11
N VAL C 71 11.79 -21.10 12.20
CA VAL C 71 12.36 -19.95 12.87
C VAL C 71 12.07 -18.68 12.07
N ALA C 72 12.20 -18.74 10.74
CA ALA C 72 11.97 -17.52 9.95
C ALA C 72 10.52 -17.08 10.05
N ARG C 73 9.59 -18.04 10.09
CA ARG C 73 8.17 -17.70 10.18
C ARG C 73 7.82 -17.13 11.56
N ARG C 74 8.42 -17.66 12.63
CA ARG C 74 8.25 -17.02 13.93
C ARG C 74 8.80 -15.61 13.86
N GLY C 75 9.97 -15.44 13.25
CA GLY C 75 10.47 -14.08 13.03
C GLY C 75 9.44 -13.22 12.33
N LEU C 76 8.88 -13.73 11.24
CA LEU C 76 7.91 -12.98 10.45
C LEU C 76 6.77 -12.45 11.32
N SER C 77 6.28 -13.28 12.24
CA SER C 77 5.17 -12.89 13.10
C SER C 77 5.53 -11.77 14.08
N TYR C 78 6.81 -11.47 14.27
CA TYR C 78 7.22 -10.33 15.09
C TYR C 78 7.64 -9.15 14.24
N ALA C 79 7.66 -9.29 12.92
CA ALA C 79 8.26 -8.31 12.02
C ALA C 79 7.23 -7.37 11.40
N ASN C 80 5.96 -7.43 11.82
CA ASN C 80 4.92 -6.63 11.18
C ASN C 80 5.29 -5.15 11.24
N GLY C 81 5.14 -4.47 10.11
CA GLY C 81 5.52 -3.08 10.00
C GLY C 81 7.01 -2.84 9.83
N ARG C 82 7.80 -3.88 9.59
CA ARG C 82 9.23 -3.76 9.34
C ARG C 82 9.51 -4.38 7.97
N PRO C 83 9.35 -3.61 6.90
CA PRO C 83 9.29 -4.22 5.55
C PRO C 83 10.60 -4.89 5.12
N ALA C 84 11.75 -4.30 5.47
CA ALA C 84 13.03 -4.92 5.12
C ALA C 84 13.20 -6.26 5.80
N LEU C 85 12.71 -6.39 7.03
CA LEU C 85 12.80 -7.66 7.75
C LEU C 85 11.89 -8.70 7.12
N GLN C 86 10.64 -8.31 6.83
CA GLN C 86 9.70 -9.22 6.20
C GLN C 86 10.22 -9.69 4.84
N ALA C 87 10.73 -8.75 4.03
CA ALA C 87 11.32 -9.11 2.75
C ALA C 87 12.39 -10.19 2.91
N GLY C 88 13.37 -9.94 3.79
CA GLY C 88 14.44 -10.91 3.98
C GLY C 88 13.99 -12.19 4.64
N LEU C 89 13.01 -12.13 5.55
CA LEU C 89 12.49 -13.36 6.13
C LEU C 89 11.84 -14.23 5.06
N TRP C 90 11.04 -13.63 4.16
CA TRP C 90 10.37 -14.41 3.12
C TRP C 90 11.39 -15.03 2.17
N GLU C 91 12.43 -14.28 1.82
CA GLU C 91 13.47 -14.83 0.96
C GLU C 91 14.15 -16.02 1.61
N LEU C 92 14.40 -15.95 2.93
CA LEU C 92 14.93 -17.09 3.66
C LEU C 92 13.99 -18.27 3.57
N ILE C 93 12.70 -18.04 3.82
CA ILE C 93 11.71 -19.09 3.74
C ILE C 93 11.73 -19.74 2.36
N ALA C 94 11.86 -18.92 1.31
CA ALA C 94 11.89 -19.45 -0.05
C ALA C 94 13.09 -20.37 -0.22
N GLN C 95 14.27 -19.90 0.18
CA GLN C 95 15.47 -20.73 0.06
C GLN C 95 15.33 -22.00 0.89
N ALA C 96 14.67 -21.90 2.05
CA ALA C 96 14.36 -23.10 2.82
C ALA C 96 13.46 -24.04 2.02
N ARG C 97 12.49 -23.48 1.28
CA ARG C 97 11.60 -24.36 0.54
C ARG C 97 12.33 -25.04 -0.62
N GLU C 98 13.27 -24.34 -1.26
CA GLU C 98 14.03 -24.96 -2.35
C GLU C 98 14.92 -26.07 -1.81
N LYS C 99 15.53 -25.88 -0.64
CA LYS C 99 16.42 -26.92 -0.13
C LYS C 99 15.64 -28.15 0.30
N GLN C 100 14.37 -27.99 0.67
CA GLN C 100 13.50 -29.13 0.87
C GLN C 100 12.94 -29.66 -0.44
N GLY C 101 13.36 -29.10 -1.57
CA GLY C 101 12.87 -29.54 -2.87
C GLY C 101 11.41 -29.21 -3.12
N ASP C 102 10.95 -28.06 -2.61
CA ASP C 102 9.61 -27.54 -2.92
C ASP C 102 9.80 -26.21 -3.67
N SER C 103 10.12 -26.32 -4.97
CA SER C 103 10.39 -25.13 -5.78
C SER C 103 9.12 -24.33 -6.02
N ALA C 104 7.95 -24.98 -6.01
CA ALA C 104 6.70 -24.24 -6.08
C ALA C 104 6.48 -23.44 -4.81
N GLY C 105 6.70 -24.07 -3.64
CA GLY C 105 6.65 -23.31 -2.40
C GLY C 105 7.57 -22.11 -2.39
N ALA C 106 8.80 -22.28 -2.90
CA ALA C 106 9.74 -21.16 -2.95
C ALA C 106 9.26 -20.05 -3.88
N ALA C 107 8.72 -20.41 -5.05
CA ALA C 107 8.21 -19.39 -5.97
C ALA C 107 7.08 -18.60 -5.32
N LEU C 108 6.26 -19.27 -4.51
CA LEU C 108 5.16 -18.62 -3.81
C LEU C 108 5.67 -17.74 -2.67
N ALA C 109 6.68 -18.20 -1.94
CA ALA C 109 7.26 -17.39 -0.87
C ALA C 109 7.82 -16.08 -1.41
N ARG C 110 8.45 -16.13 -2.60
CA ARG C 110 9.03 -14.92 -3.17
C ARG C 110 7.98 -13.97 -3.71
N GLN C 111 6.82 -14.49 -4.10
CA GLN C 111 5.72 -13.62 -4.51
C GLN C 111 5.15 -12.88 -3.30
N LYS C 112 5.18 -13.48 -2.12
CA LYS C 112 4.87 -12.73 -0.91
C LYS C 112 5.99 -11.74 -0.58
N ALA C 113 7.24 -12.16 -0.82
CA ALA C 113 8.42 -11.34 -0.64
C ALA C 113 8.47 -10.11 -1.58
N LYS C 114 7.42 -9.93 -2.39
CA LYS C 114 7.26 -8.73 -3.22
C LYS C 114 5.90 -8.09 -2.96
N ASP D 12 -0.96 20.55 27.99
CA ASP D 12 -0.48 20.00 29.26
C ASP D 12 0.70 19.06 29.05
N GLY D 13 1.80 19.35 29.74
CA GLY D 13 3.03 18.60 29.62
C GLY D 13 2.91 17.12 29.98
N PRO D 14 2.34 16.82 31.15
CA PRO D 14 2.19 15.39 31.52
C PRO D 14 1.42 14.55 30.49
N VAL D 15 0.27 15.03 30.02
CA VAL D 15 -0.47 14.28 28.99
C VAL D 15 0.39 14.05 27.76
N LEU D 16 1.04 15.12 27.30
CA LEU D 16 1.94 15.01 26.16
C LEU D 16 3.05 13.99 26.42
N ALA D 17 3.61 13.98 27.63
CA ALA D 17 4.62 12.99 27.98
C ALA D 17 4.05 11.57 27.91
N MET D 18 2.81 11.38 28.36
CA MET D 18 2.24 10.04 28.27
C MET D 18 1.97 9.65 26.83
N LEU D 19 1.61 10.62 26.00
CA LEU D 19 1.44 10.34 24.58
C LEU D 19 2.76 9.94 23.96
N THR D 20 3.83 10.63 24.34
CA THR D 20 5.16 10.35 23.80
C THR D 20 5.61 8.95 24.15
N THR D 21 5.45 8.55 25.41
CA THR D 21 5.81 7.19 25.79
C THR D 21 4.95 6.16 25.06
N ALA D 22 3.65 6.42 24.95
CA ALA D 22 2.76 5.50 24.25
C ALA D 22 3.24 5.27 22.81
N GLN D 23 3.54 6.38 22.12
CA GLN D 23 4.00 6.29 20.74
C GLN D 23 5.31 5.52 20.65
N GLN D 24 6.17 5.60 21.67
CA GLN D 24 7.42 4.84 21.61
C GLN D 24 7.15 3.36 21.89
N GLN D 25 6.29 3.06 22.86
CA GLN D 25 5.94 1.67 23.12
C GLN D 25 5.28 1.05 21.90
N GLN D 26 4.35 1.78 21.25
CA GLN D 26 3.75 1.28 20.03
C GLN D 26 4.80 1.00 18.95
N GLY D 27 5.88 1.77 18.92
CA GLY D 27 6.93 1.53 17.94
C GLY D 27 7.76 0.30 18.23
N SER D 28 8.01 0.01 19.52
CA SER D 28 8.64 -1.22 19.95
C SER D 28 7.79 -2.47 19.74
N GLY D 29 6.53 -2.34 19.29
CA GLY D 29 5.63 -3.46 19.25
C GLY D 29 4.89 -3.77 20.54
N ASP D 30 5.24 -3.12 21.65
CA ASP D 30 4.60 -3.36 22.95
C ASP D 30 3.29 -2.56 23.04
N LEU D 31 2.27 -3.09 22.37
CA LEU D 31 0.98 -2.41 22.30
C LEU D 31 0.21 -2.46 23.61
N ASN D 32 0.47 -3.48 24.44
CA ASN D 32 -0.15 -3.54 25.76
C ASN D 32 0.30 -2.38 26.64
N SER D 33 1.62 -2.12 26.69
CA SER D 33 2.12 -0.99 27.47
C SER D 33 1.60 0.31 26.89
N ALA D 34 1.66 0.45 25.55
CA ALA D 34 1.11 1.64 24.92
C ALA D 34 -0.32 1.87 25.39
N ALA D 35 -1.12 0.79 25.45
CA ALA D 35 -2.52 0.92 25.85
C ALA D 35 -2.63 1.34 27.30
N ALA D 36 -1.81 0.72 28.18
CA ALA D 36 -1.75 1.14 29.57
C ALA D 36 -1.32 2.60 29.69
N SER D 37 -0.36 3.05 28.86
CA SER D 37 0.03 4.46 28.89
C SER D 37 -1.12 5.36 28.45
N LEU D 38 -1.89 4.95 27.44
CA LEU D 38 -2.98 5.80 26.98
C LEU D 38 -4.11 5.81 27.99
N GLU D 39 -4.40 4.67 28.61
CA GLU D 39 -5.39 4.64 29.69
C GLU D 39 -4.93 5.51 30.86
N ARG D 40 -3.63 5.54 31.11
CA ARG D 40 -3.10 6.45 32.11
C ARG D 40 -3.35 7.91 31.73
N ALA D 41 -3.07 8.28 30.47
CA ALA D 41 -3.29 9.65 30.04
C ALA D 41 -4.73 10.10 30.25
N GLN D 42 -5.70 9.18 30.09
CA GLN D 42 -7.11 9.53 30.29
C GLN D 42 -7.41 9.92 31.73
N ARG D 43 -6.57 9.56 32.68
CA ARG D 43 -6.81 10.01 34.04
C ARG D 43 -6.64 11.52 34.14
N ILE D 44 -5.79 12.10 33.31
CA ILE D 44 -5.67 13.56 33.24
C ILE D 44 -6.66 14.14 32.24
N ALA D 45 -6.73 13.57 31.03
CA ALA D 45 -7.52 14.13 29.93
C ALA D 45 -8.58 13.10 29.54
N PRO D 46 -9.69 13.01 30.27
CA PRO D 46 -10.62 11.91 30.00
C PRO D 46 -11.40 12.12 28.71
N ARG D 47 -11.69 13.37 28.32
CA ARG D 47 -12.46 13.63 27.10
C ARG D 47 -11.59 14.25 26.01
N GLU D 48 -10.37 13.75 25.87
CA GLU D 48 -9.43 14.28 24.89
C GLU D 48 -9.45 13.38 23.66
N PRO D 49 -9.96 13.85 22.50
CA PRO D 49 -10.01 12.96 21.33
C PRO D 49 -8.63 12.54 20.80
N GLN D 50 -7.58 13.35 20.97
CA GLN D 50 -6.24 12.92 20.54
C GLN D 50 -5.82 11.66 21.26
N VAL D 51 -6.02 11.60 22.58
CA VAL D 51 -5.73 10.39 23.34
C VAL D 51 -6.56 9.22 22.85
N LEU D 52 -7.86 9.44 22.68
CA LEU D 52 -8.73 8.34 22.28
C LEU D 52 -8.38 7.86 20.88
N TYR D 53 -7.87 8.76 20.05
CA TYR D 53 -7.47 8.40 18.70
C TYR D 53 -6.29 7.43 18.72
N ARG D 54 -5.33 7.63 19.63
CA ARG D 54 -4.21 6.69 19.72
C ARG D 54 -4.64 5.39 20.34
N LEU D 55 -5.49 5.46 21.36
CA LEU D 55 -5.99 4.24 22.00
C LEU D 55 -6.75 3.38 20.99
N ALA D 56 -7.62 4.01 20.20
CA ALA D 56 -8.30 3.29 19.12
C ALA D 56 -7.30 2.67 18.15
N GLN D 57 -6.23 3.41 17.81
CA GLN D 57 -5.22 2.88 16.91
C GLN D 57 -4.53 1.67 17.52
N VAL D 58 -4.22 1.76 18.81
CA VAL D 58 -3.52 0.68 19.49
C VAL D 58 -4.41 -0.55 19.56
N ARG D 59 -5.67 -0.37 19.93
CA ARG D 59 -6.56 -1.53 20.04
C ARG D 59 -6.82 -2.16 18.69
N LEU D 60 -6.89 -1.36 17.64
CA LEU D 60 -7.01 -1.90 16.29
C LEU D 60 -5.75 -2.68 15.90
N ALA D 61 -4.58 -2.15 16.24
CA ALA D 61 -3.34 -2.85 15.92
C ALA D 61 -3.22 -4.17 16.67
N GLN D 62 -3.89 -4.32 17.81
CA GLN D 62 -3.94 -5.61 18.50
C GLN D 62 -5.01 -6.55 17.94
N GLY D 63 -5.82 -6.10 16.99
CA GLY D 63 -6.91 -6.90 16.46
C GLY D 63 -8.25 -6.74 17.17
N ASP D 64 -8.33 -5.91 18.21
CA ASP D 64 -9.56 -5.66 18.95
C ASP D 64 -10.39 -4.56 18.28
N ALA D 65 -10.98 -4.93 17.16
CA ALA D 65 -11.59 -3.98 16.22
C ALA D 65 -12.91 -3.44 16.73
N ALA D 66 -13.77 -4.31 17.30
CA ALA D 66 -15.01 -3.84 17.91
C ALA D 66 -14.74 -2.88 19.07
N GLN D 67 -13.76 -3.19 19.93
CA GLN D 67 -13.40 -2.24 20.99
C GLN D 67 -12.79 -0.98 20.38
N ALA D 68 -11.95 -1.14 19.36
CA ALA D 68 -11.34 0.05 18.76
C ALA D 68 -12.39 0.94 18.14
N GLU D 69 -13.45 0.35 17.59
CA GLU D 69 -14.50 1.17 16.99
C GLU D 69 -15.21 2.02 18.02
N GLN D 70 -15.58 1.40 19.16
CA GLN D 70 -16.24 2.15 20.22
C GLN D 70 -15.38 3.28 20.73
N VAL D 71 -14.07 3.03 20.87
CA VAL D 71 -13.18 4.08 21.37
C VAL D 71 -13.09 5.22 20.35
N ALA D 72 -13.01 4.90 19.06
CA ALA D 72 -12.92 5.94 18.04
C ALA D 72 -14.21 6.76 17.93
N ARG D 73 -15.37 6.12 18.11
CA ARG D 73 -16.61 6.90 18.03
C ARG D 73 -16.74 7.83 19.23
N ARG D 74 -16.34 7.34 20.41
CA ARG D 74 -16.23 8.20 21.57
C ARG D 74 -15.39 9.44 21.27
N GLY D 75 -14.16 9.25 20.82
CA GLY D 75 -13.30 10.39 20.50
C GLY D 75 -13.90 11.30 19.45
N LEU D 76 -14.58 10.71 18.47
CA LEU D 76 -15.28 11.51 17.47
C LEU D 76 -16.36 12.39 18.09
N SER D 77 -17.00 11.92 19.16
CA SER D 77 -18.00 12.72 19.84
C SER D 77 -17.40 13.93 20.55
N TYR D 78 -16.08 13.92 20.78
CA TYR D 78 -15.36 15.05 21.36
C TYR D 78 -14.61 15.89 20.33
N ALA D 79 -14.61 15.48 19.06
CA ALA D 79 -13.74 16.06 18.05
C ALA D 79 -14.43 17.13 17.20
N ASN D 80 -15.52 17.70 17.69
CA ASN D 80 -16.28 18.64 16.88
C ASN D 80 -15.49 19.91 16.62
N GLY D 81 -15.53 20.37 15.36
CA GLY D 81 -14.73 21.52 14.98
C GLY D 81 -13.25 21.25 14.86
N ARG D 82 -12.82 19.98 14.87
CA ARG D 82 -11.44 19.59 14.61
C ARG D 82 -11.45 18.64 13.42
N PRO D 83 -11.64 19.18 12.21
CA PRO D 83 -11.89 18.30 11.05
C PRO D 83 -10.74 17.37 10.72
N ALA D 84 -9.50 17.82 10.90
CA ALA D 84 -8.39 16.90 10.70
C ALA D 84 -8.55 15.65 11.58
N LEU D 85 -9.02 15.84 12.82
CA LEU D 85 -9.14 14.71 13.74
C LEU D 85 -10.39 13.87 13.45
N GLN D 86 -11.49 14.53 13.08
CA GLN D 86 -12.68 13.78 12.69
C GLN D 86 -12.38 12.86 11.52
N ALA D 87 -11.65 13.35 10.51
CA ALA D 87 -11.30 12.52 9.36
C ALA D 87 -10.44 11.32 9.78
N GLY D 88 -9.43 11.54 10.63
CA GLY D 88 -8.64 10.41 11.13
C GLY D 88 -9.47 9.40 11.90
N LEU D 89 -10.37 9.89 12.75
CA LEU D 89 -11.18 8.97 13.55
C LEU D 89 -12.13 8.17 12.67
N TRP D 90 -12.75 8.81 11.68
CA TRP D 90 -13.60 8.09 10.73
C TRP D 90 -12.81 7.01 9.99
N GLU D 91 -11.58 7.33 9.55
CA GLU D 91 -10.76 6.32 8.90
C GLU D 91 -10.48 5.15 9.83
N LEU D 92 -10.33 5.40 11.14
CA LEU D 92 -10.13 4.31 12.07
C LEU D 92 -11.38 3.46 12.19
N ILE D 93 -12.54 4.10 12.31
CA ILE D 93 -13.81 3.38 12.30
C ILE D 93 -13.94 2.54 11.03
N ALA D 94 -13.60 3.13 9.88
CA ALA D 94 -13.55 2.37 8.63
C ALA D 94 -12.68 1.13 8.79
N GLN D 95 -11.45 1.32 9.26
CA GLN D 95 -10.54 0.19 9.34
C GLN D 95 -11.05 -0.87 10.30
N ALA D 96 -11.68 -0.44 11.40
CA ALA D 96 -12.26 -1.37 12.35
C ALA D 96 -13.44 -2.13 11.74
N ARG D 97 -14.29 -1.44 10.95
CA ARG D 97 -15.42 -2.15 10.32
C ARG D 97 -14.92 -3.26 9.42
N GLU D 98 -13.88 -3.01 8.62
CA GLU D 98 -13.45 -4.03 7.66
C GLU D 98 -12.78 -5.20 8.35
N LYS D 99 -12.05 -4.95 9.45
CA LYS D 99 -11.49 -6.05 10.22
C LYS D 99 -12.56 -6.87 10.92
N GLN D 100 -13.76 -6.34 11.08
CA GLN D 100 -14.88 -7.16 11.54
C GLN D 100 -15.68 -7.77 10.38
N GLY D 101 -15.23 -7.59 9.14
CA GLY D 101 -15.91 -8.18 8.00
C GLY D 101 -16.95 -7.32 7.35
N ASP D 102 -17.08 -6.05 7.76
CA ASP D 102 -18.09 -5.12 7.24
C ASP D 102 -17.44 -4.13 6.29
N SER D 103 -17.16 -4.59 5.08
CA SER D 103 -16.59 -3.68 4.09
C SER D 103 -17.59 -2.60 3.66
N ALA D 104 -18.89 -2.90 3.74
CA ALA D 104 -19.88 -1.87 3.41
C ALA D 104 -19.83 -0.74 4.43
N GLY D 105 -19.89 -1.07 5.72
CA GLY D 105 -19.75 -0.05 6.74
C GLY D 105 -18.43 0.71 6.63
N ALA D 106 -17.35 0.02 6.26
CA ALA D 106 -16.09 0.71 6.06
C ALA D 106 -16.18 1.73 4.92
N ALA D 107 -16.81 1.34 3.81
CA ALA D 107 -16.94 2.30 2.71
C ALA D 107 -17.80 3.48 3.13
N LEU D 108 -18.84 3.24 3.91
CA LEU D 108 -19.69 4.33 4.39
C LEU D 108 -18.97 5.19 5.40
N ALA D 109 -18.07 4.59 6.19
CA ALA D 109 -17.25 5.36 7.11
C ALA D 109 -16.36 6.32 6.35
N ARG D 110 -15.73 5.85 5.27
CA ARG D 110 -14.82 6.70 4.50
C ARG D 110 -15.56 7.75 3.71
N GLN D 111 -16.84 7.55 3.45
CA GLN D 111 -17.67 8.59 2.85
C GLN D 111 -17.94 9.71 3.87
N LYS D 112 -18.20 9.32 5.11
CA LYS D 112 -18.41 10.33 6.18
C LYS D 112 -17.15 11.17 6.33
N ALA D 113 -15.96 10.57 6.23
CA ALA D 113 -14.73 11.32 6.38
C ALA D 113 -14.54 12.32 5.24
N LYS D 114 -14.59 11.86 3.98
CA LYS D 114 -14.30 12.74 2.85
C LYS D 114 -15.24 13.93 2.80
N VAL D 115 -16.54 13.68 2.82
CA VAL D 115 -17.54 14.74 2.82
C VAL D 115 -17.97 14.92 4.27
N SER D 116 -17.30 15.84 4.96
CA SER D 116 -17.54 16.11 6.38
C SER D 116 -18.99 16.57 6.60
N ASP E 12 -20.03 -6.38 -12.06
CA ASP E 12 -20.22 -7.13 -13.30
C ASP E 12 -21.37 -8.14 -13.19
N GLY E 13 -22.37 -7.98 -14.05
CA GLY E 13 -23.60 -8.76 -14.02
C GLY E 13 -23.44 -10.27 -14.08
N PRO E 14 -22.74 -10.77 -15.11
CA PRO E 14 -22.66 -12.24 -15.27
C PRO E 14 -21.98 -12.96 -14.11
N VAL E 15 -20.88 -12.44 -13.56
CA VAL E 15 -20.27 -13.10 -12.41
C VAL E 15 -21.24 -13.14 -11.24
N LEU E 16 -21.94 -12.02 -10.99
CA LEU E 16 -22.88 -11.97 -9.87
C LEU E 16 -23.99 -12.98 -10.05
N ALA E 17 -24.51 -13.10 -11.28
CA ALA E 17 -25.58 -14.05 -11.54
C ALA E 17 -25.12 -15.48 -11.24
N MET E 18 -23.87 -15.80 -11.56
CA MET E 18 -23.36 -17.14 -11.29
C MET E 18 -23.12 -17.37 -9.81
N LEU E 19 -22.58 -16.37 -9.11
CA LEU E 19 -22.51 -16.45 -7.66
C LEU E 19 -23.89 -16.70 -7.06
N THR E 20 -24.90 -15.95 -7.52
CA THR E 20 -26.27 -16.11 -7.01
C THR E 20 -26.76 -17.55 -7.24
N THR E 21 -26.48 -18.11 -8.42
CA THR E 21 -26.88 -19.49 -8.70
C THR E 21 -26.14 -20.49 -7.81
N ALA E 22 -24.83 -20.27 -7.60
CA ALA E 22 -24.05 -21.19 -6.78
C ALA E 22 -24.52 -21.21 -5.34
N GLN E 23 -24.84 -20.01 -4.81
CA GLN E 23 -25.34 -19.83 -3.42
C GLN E 23 -26.71 -20.51 -3.28
N GLN E 24 -27.58 -20.37 -4.26
CA GLN E 24 -28.85 -21.08 -4.22
C GLN E 24 -28.60 -22.58 -4.22
N GLN E 25 -27.75 -23.06 -5.14
CA GLN E 25 -27.45 -24.48 -5.19
C GLN E 25 -26.84 -24.95 -3.86
N GLN E 26 -25.77 -24.29 -3.42
CA GLN E 26 -25.18 -24.62 -2.13
C GLN E 26 -26.24 -24.68 -1.04
N GLY E 27 -27.12 -23.67 -0.99
CA GLY E 27 -28.13 -23.62 0.06
C GLY E 27 -29.05 -24.82 0.08
N SER E 28 -29.42 -25.32 -1.11
CA SER E 28 -30.30 -26.48 -1.20
C SER E 28 -29.54 -27.81 -1.11
N GLY E 29 -28.24 -27.78 -0.85
CA GLY E 29 -27.49 -28.99 -0.63
C GLY E 29 -26.82 -29.60 -1.84
N ASP E 30 -26.98 -29.02 -3.03
CA ASP E 30 -26.26 -29.50 -4.22
C ASP E 30 -24.93 -28.76 -4.35
N LEU E 31 -23.96 -29.17 -3.51
CA LEU E 31 -22.64 -28.55 -3.57
C LEU E 31 -21.88 -28.94 -4.84
N ASN E 32 -22.21 -30.11 -5.43
CA ASN E 32 -21.57 -30.47 -6.69
C ASN E 32 -21.90 -29.45 -7.79
N SER E 33 -23.18 -29.11 -7.94
CA SER E 33 -23.54 -28.10 -8.94
C SER E 33 -23.03 -26.72 -8.57
N ALA E 34 -23.09 -26.37 -7.28
CA ALA E 34 -22.51 -25.11 -6.83
C ALA E 34 -21.05 -25.00 -7.25
N ALA E 35 -20.28 -26.07 -7.08
CA ALA E 35 -18.89 -26.02 -7.54
C ALA E 35 -18.81 -25.85 -9.06
N ALA E 36 -19.69 -26.52 -9.81
CA ALA E 36 -19.67 -26.35 -11.26
C ALA E 36 -20.01 -24.92 -11.65
N SER E 37 -21.00 -24.31 -10.98
CA SER E 37 -21.34 -22.91 -11.22
C SER E 37 -20.16 -21.99 -10.93
N LEU E 38 -19.45 -22.23 -9.84
CA LEU E 38 -18.33 -21.37 -9.47
C LEU E 38 -17.15 -21.56 -10.41
N GLU E 39 -16.89 -22.81 -10.83
CA GLU E 39 -15.88 -23.02 -11.87
C GLU E 39 -16.30 -22.36 -13.19
N ARG E 40 -17.59 -22.38 -13.50
CA ARG E 40 -18.05 -21.66 -14.67
C ARG E 40 -17.83 -20.16 -14.51
N ALA E 41 -18.01 -19.64 -13.29
CA ALA E 41 -17.78 -18.21 -13.04
C ALA E 41 -16.34 -17.82 -13.32
N GLN E 42 -15.40 -18.71 -13.04
CA GLN E 42 -14.00 -18.46 -13.33
C GLN E 42 -13.73 -18.29 -14.80
N ARG E 43 -14.65 -18.76 -15.67
CA ARG E 43 -14.49 -18.50 -17.10
C ARG E 43 -14.64 -17.03 -17.46
N ILE E 44 -15.36 -16.26 -16.65
CA ILE E 44 -15.44 -14.81 -16.81
C ILE E 44 -14.42 -14.09 -15.91
N ALA E 45 -14.24 -14.54 -14.67
CA ALA E 45 -13.36 -13.86 -13.70
C ALA E 45 -12.36 -14.85 -13.11
N PRO E 46 -11.27 -15.19 -13.84
CA PRO E 46 -10.38 -16.26 -13.37
C PRO E 46 -9.60 -15.91 -12.12
N ARG E 47 -9.51 -14.64 -11.77
CA ARG E 47 -8.62 -14.19 -10.70
C ARG E 47 -9.38 -13.27 -9.77
N GLU E 48 -10.56 -13.73 -9.38
CA GLU E 48 -11.52 -12.93 -8.63
C GLU E 48 -11.67 -13.58 -7.27
N PRO E 49 -11.25 -12.93 -6.18
CA PRO E 49 -11.23 -13.63 -4.89
C PRO E 49 -12.62 -13.94 -4.34
N GLN E 50 -13.64 -13.14 -4.69
CA GLN E 50 -14.98 -13.44 -4.21
C GLN E 50 -15.46 -14.77 -4.74
N VAL E 51 -15.11 -15.08 -5.99
CA VAL E 51 -15.39 -16.39 -6.55
C VAL E 51 -14.58 -17.47 -5.84
N LEU E 52 -13.28 -17.23 -5.65
CA LEU E 52 -12.48 -18.27 -5.03
C LEU E 52 -12.87 -18.46 -3.57
N TYR E 53 -13.31 -17.39 -2.90
CA TYR E 53 -13.79 -17.53 -1.54
C TYR E 53 -14.98 -18.50 -1.47
N ARG E 54 -15.98 -18.18 -2.29
CA ARG E 54 -17.16 -19.16 -2.34
CA ARG E 54 -17.15 -19.09 -2.43
C ARG E 54 -16.90 -20.58 -2.89
N LEU E 55 -15.87 -20.68 -3.73
CA LEU E 55 -15.48 -22.00 -4.19
C LEU E 55 -14.71 -22.77 -3.12
N ALA E 56 -13.80 -22.10 -2.40
CA ALA E 56 -13.11 -22.78 -1.30
C ALA E 56 -14.10 -23.20 -0.23
N GLN E 57 -15.08 -22.32 0.08
CA GLN E 57 -16.16 -22.64 0.99
C GLN E 57 -16.93 -23.89 0.55
N VAL E 58 -17.32 -23.94 -0.73
CA VAL E 58 -18.03 -25.11 -1.23
C VAL E 58 -17.16 -26.35 -1.10
N ARG E 59 -15.89 -26.27 -1.49
CA ARG E 59 -15.04 -27.45 -1.38
C ARG E 59 -14.79 -27.87 0.08
N LEU E 60 -14.76 -26.92 1.03
CA LEU E 60 -14.62 -27.33 2.43
C LEU E 60 -15.86 -28.08 2.91
N ALA E 61 -17.04 -27.61 2.48
CA ALA E 61 -18.30 -28.28 2.80
C ALA E 61 -18.33 -29.73 2.31
N GLN E 62 -17.70 -30.02 1.18
CA GLN E 62 -17.59 -31.40 0.71
C GLN E 62 -16.54 -32.21 1.47
N GLY E 63 -15.77 -31.57 2.36
CA GLY E 63 -14.70 -32.24 3.05
C GLY E 63 -13.41 -32.33 2.28
N ASP E 64 -13.35 -31.74 1.08
CA ASP E 64 -12.12 -31.69 0.29
C ASP E 64 -11.27 -30.51 0.77
N ALA E 65 -10.74 -30.66 1.99
CA ALA E 65 -10.10 -29.57 2.71
C ALA E 65 -8.76 -29.17 2.09
N ALA E 66 -7.95 -30.13 1.66
CA ALA E 66 -6.67 -29.80 1.06
C ALA E 66 -6.85 -28.99 -0.23
N GLN E 67 -7.84 -29.37 -1.06
CA GLN E 67 -8.16 -28.57 -2.23
C GLN E 67 -8.69 -27.20 -1.83
N ALA E 68 -9.58 -27.17 -0.86
CA ALA E 68 -10.15 -25.90 -0.41
C ALA E 68 -9.06 -24.94 0.07
N GLU E 69 -8.05 -25.44 0.78
CA GLU E 69 -7.01 -24.54 1.25
C GLU E 69 -6.25 -23.91 0.08
N GLN E 70 -5.90 -24.72 -0.92
CA GLN E 70 -5.22 -24.21 -2.10
C GLN E 70 -6.05 -23.17 -2.83
N VAL E 71 -7.37 -23.39 -2.92
CA VAL E 71 -8.25 -22.42 -3.58
C VAL E 71 -8.28 -21.10 -2.79
N ALA E 72 -8.37 -21.19 -1.46
CA ALA E 72 -8.42 -19.99 -0.64
C ALA E 72 -7.10 -19.25 -0.64
N ARG E 73 -5.98 -19.99 -0.63
CA ARG E 73 -4.69 -19.33 -0.74
C ARG E 73 -4.56 -18.60 -2.06
N ARG E 74 -5.01 -19.23 -3.14
CA ARG E 74 -5.01 -18.54 -4.42
C ARG E 74 -5.87 -17.30 -4.33
N GLY E 75 -7.07 -17.42 -3.75
CA GLY E 75 -7.91 -16.24 -3.57
C GLY E 75 -7.22 -15.16 -2.76
N LEU E 76 -6.47 -15.57 -1.74
CA LEU E 76 -5.79 -14.64 -0.85
C LEU E 76 -4.80 -13.76 -1.60
N SER E 77 -4.13 -14.32 -2.61
CA SER E 77 -3.12 -13.62 -3.38
C SER E 77 -3.70 -12.60 -4.35
N TYR E 78 -5.01 -12.63 -4.63
CA TYR E 78 -5.68 -11.58 -5.39
C TYR E 78 -6.47 -10.63 -4.50
N ALA E 79 -6.36 -10.77 -3.17
CA ALA E 79 -7.23 -10.06 -2.25
C ALA E 79 -6.56 -8.85 -1.61
N ASN E 80 -5.36 -8.48 -2.07
CA ASN E 80 -4.63 -7.44 -1.38
C ASN E 80 -5.38 -6.14 -1.44
N GLY E 81 -5.33 -5.40 -0.33
CA GLY E 81 -6.13 -4.21 -0.20
C GLY E 81 -7.61 -4.44 0.05
N ARG E 82 -8.01 -5.68 0.36
CA ARG E 82 -9.42 -6.00 0.63
C ARG E 82 -9.51 -6.72 1.97
N PRO E 83 -9.33 -5.99 3.08
CA PRO E 83 -9.14 -6.66 4.39
C PRO E 83 -10.28 -7.57 4.81
N ALA E 84 -11.54 -7.19 4.51
CA ALA E 84 -12.65 -8.08 4.84
C ALA E 84 -12.50 -9.43 4.15
N LEU E 85 -12.16 -9.41 2.85
CA LEU E 85 -11.96 -10.66 2.11
C LEU E 85 -10.80 -11.47 2.68
N GLN E 86 -9.66 -10.80 2.90
CA GLN E 86 -8.48 -11.47 3.43
C GLN E 86 -8.78 -12.16 4.76
N ALA E 87 -9.50 -11.48 5.65
CA ALA E 87 -9.87 -12.13 6.91
C ALA E 87 -10.73 -13.37 6.65
N GLY E 88 -11.74 -13.24 5.78
CA GLY E 88 -12.58 -14.40 5.47
C GLY E 88 -11.79 -15.55 4.86
N LEU E 89 -10.82 -15.24 3.99
CA LEU E 89 -10.04 -16.31 3.38
C LEU E 89 -9.18 -17.01 4.41
N TRP E 90 -8.56 -16.23 5.31
CA TRP E 90 -7.72 -16.83 6.35
C TRP E 90 -8.52 -17.76 7.25
N GLU E 91 -9.76 -17.37 7.60
CA GLU E 91 -10.60 -18.24 8.42
C GLU E 91 -10.96 -19.52 7.68
N LEU E 92 -11.17 -19.43 6.36
CA LEU E 92 -11.36 -20.63 5.56
C LEU E 92 -10.12 -21.53 5.58
N ILE E 93 -8.93 -20.93 5.43
CA ILE E 93 -7.69 -21.73 5.46
C ILE E 93 -7.53 -22.42 6.82
N ALA E 94 -7.92 -21.74 7.90
CA ALA E 94 -7.82 -22.37 9.22
C ALA E 94 -8.74 -23.58 9.32
N GLN E 95 -9.99 -23.43 8.87
CA GLN E 95 -10.90 -24.57 8.92
C GLN E 95 -10.40 -25.69 8.01
N ALA E 96 -9.85 -25.33 6.85
CA ALA E 96 -9.18 -26.30 6.00
C ALA E 96 -8.10 -27.04 6.77
N ARG E 97 -7.21 -26.30 7.45
CA ARG E 97 -6.15 -26.94 8.23
C ARG E 97 -6.74 -27.85 9.28
N GLU E 98 -7.76 -27.37 9.99
CA GLU E 98 -8.39 -28.11 11.07
C GLU E 98 -8.87 -29.48 10.59
N LYS E 99 -9.53 -29.48 9.43
CA LYS E 99 -10.14 -30.70 8.90
C LYS E 99 -9.08 -31.67 8.41
N GLN E 100 -7.90 -31.17 8.05
CA GLN E 100 -6.78 -32.04 7.73
C GLN E 100 -6.02 -32.49 8.97
N GLY E 101 -6.47 -32.11 10.17
CA GLY E 101 -5.80 -32.51 11.39
C GLY E 101 -4.71 -31.60 11.87
N ASP E 102 -4.61 -30.37 11.36
CA ASP E 102 -3.58 -29.42 11.79
C ASP E 102 -4.23 -28.32 12.61
N SER E 103 -4.51 -28.61 13.89
CA SER E 103 -5.03 -27.58 14.77
C SER E 103 -4.01 -26.45 14.99
N ALA E 104 -2.71 -26.75 14.94
CA ALA E 104 -1.72 -25.69 15.12
C ALA E 104 -1.73 -24.73 13.94
N GLY E 105 -1.60 -25.26 12.72
CA GLY E 105 -1.74 -24.43 11.55
C GLY E 105 -3.04 -23.66 11.53
N ALA E 106 -4.12 -24.27 12.03
CA ALA E 106 -5.39 -23.55 12.10
C ALA E 106 -5.28 -22.36 13.05
N ALA E 107 -4.62 -22.53 14.20
CA ALA E 107 -4.42 -21.42 15.13
C ALA E 107 -3.55 -20.33 14.53
N LEU E 108 -2.56 -20.70 13.72
CA LEU E 108 -1.68 -19.70 13.15
C LEU E 108 -2.38 -18.91 12.06
N ALA E 109 -3.18 -19.59 11.21
CA ALA E 109 -3.94 -18.90 10.19
C ALA E 109 -4.93 -17.91 10.80
N ARG E 110 -5.52 -18.27 11.94
CA ARG E 110 -6.45 -17.36 12.60
C ARG E 110 -5.72 -16.18 13.22
N GLN E 111 -4.42 -16.36 13.55
CA GLN E 111 -3.61 -15.24 14.04
C GLN E 111 -3.29 -14.27 12.91
N LYS E 112 -3.03 -14.78 11.70
CA LYS E 112 -2.80 -13.91 10.54
C LYS E 112 -4.06 -13.15 10.15
N ALA E 113 -5.24 -13.77 10.31
CA ALA E 113 -6.49 -13.09 9.98
C ALA E 113 -6.72 -11.85 10.85
N LYS E 114 -6.39 -11.92 12.15
CA LYS E 114 -6.74 -10.83 13.07
C LYS E 114 -5.74 -9.68 13.07
N VAL E 115 -4.66 -9.77 12.30
CA VAL E 115 -3.73 -8.66 12.17
C VAL E 115 -3.43 -8.39 10.70
N ASP F 12 10.10 24.31 -21.03
CA ASP F 12 9.57 24.92 -19.81
C ASP F 12 9.57 23.92 -18.64
N GLY F 13 10.39 24.20 -17.63
CA GLY F 13 10.68 23.24 -16.59
C GLY F 13 9.54 22.95 -15.63
N PRO F 14 9.13 23.96 -14.86
CA PRO F 14 8.12 23.71 -13.81
C PRO F 14 6.85 23.05 -14.32
N VAL F 15 6.27 23.54 -15.43
CA VAL F 15 5.04 22.91 -15.94
C VAL F 15 5.31 21.46 -16.27
N LEU F 16 6.42 21.19 -16.93
CA LEU F 16 6.73 19.82 -17.32
C LEU F 16 6.90 18.92 -16.11
N ALA F 17 7.47 19.45 -15.02
CA ALA F 17 7.58 18.69 -13.79
C ALA F 17 6.20 18.32 -13.25
N MET F 18 5.23 19.23 -13.31
CA MET F 18 3.90 18.90 -12.80
C MET F 18 3.18 17.91 -13.71
N LEU F 19 3.40 17.99 -15.03
CA LEU F 19 2.75 17.05 -15.95
C LEU F 19 3.30 15.65 -15.75
N THR F 20 4.62 15.53 -15.59
CA THR F 20 5.23 14.24 -15.31
C THR F 20 4.72 13.67 -13.99
N THR F 21 4.61 14.52 -12.96
CA THR F 21 4.01 14.09 -11.71
C THR F 21 2.59 13.61 -11.93
N ALA F 22 1.77 14.44 -12.57
CA ALA F 22 0.40 14.03 -12.90
C ALA F 22 0.37 12.71 -13.66
N GLN F 23 1.26 12.55 -14.64
CA GLN F 23 1.20 11.33 -15.46
C GLN F 23 1.59 10.13 -14.64
N GLN F 24 2.52 10.30 -13.70
CA GLN F 24 2.85 9.19 -12.81
C GLN F 24 1.68 8.87 -11.89
N GLN F 25 1.04 9.90 -11.34
CA GLN F 25 -0.08 9.67 -10.42
C GLN F 25 -1.25 9.02 -11.14
N GLN F 26 -1.52 9.47 -12.37
CA GLN F 26 -2.53 8.83 -13.21
C GLN F 26 -2.19 7.36 -13.47
N GLY F 27 -0.92 7.06 -13.75
CA GLY F 27 -0.49 5.66 -13.90
C GLY F 27 -0.71 4.83 -12.64
N SER F 28 -0.61 5.45 -11.47
CA SER F 28 -0.82 4.76 -10.18
C SER F 28 -2.28 4.52 -9.86
N GLY F 29 -3.22 4.95 -10.71
CA GLY F 29 -4.64 4.92 -10.40
C GLY F 29 -5.17 6.17 -9.72
N ASP F 30 -4.30 6.99 -9.13
CA ASP F 30 -4.73 8.15 -8.33
C ASP F 30 -5.04 9.33 -9.25
N LEU F 31 -6.27 9.34 -9.75
CA LEU F 31 -6.70 10.44 -10.62
C LEU F 31 -6.90 11.73 -9.84
N ASN F 32 -7.29 11.62 -8.58
CA ASN F 32 -7.48 12.81 -7.76
C ASN F 32 -6.16 13.58 -7.63
N SER F 33 -5.08 12.87 -7.26
CA SER F 33 -3.79 13.55 -7.16
C SER F 33 -3.35 14.08 -8.52
N ALA F 34 -3.61 13.32 -9.59
CA ALA F 34 -3.19 13.79 -10.89
C ALA F 34 -3.88 15.10 -11.25
N ALA F 35 -5.17 15.20 -10.92
CA ALA F 35 -5.92 16.45 -11.13
C ALA F 35 -5.39 17.57 -10.26
N ALA F 36 -5.11 17.29 -8.98
CA ALA F 36 -4.50 18.30 -8.11
C ALA F 36 -3.17 18.76 -8.67
N SER F 37 -2.39 17.86 -9.27
CA SER F 37 -1.12 18.24 -9.86
C SER F 37 -1.30 19.15 -11.07
N LEU F 38 -2.33 18.90 -11.88
CA LEU F 38 -2.57 19.73 -13.07
C LEU F 38 -3.20 21.07 -12.70
N GLU F 39 -4.00 21.11 -11.63
CA GLU F 39 -4.44 22.39 -11.08
C GLU F 39 -3.27 23.20 -10.51
N ARG F 40 -2.22 22.52 -10.01
CA ARG F 40 -1.02 23.25 -9.60
C ARG F 40 -0.26 23.76 -10.82
N ALA F 41 -0.24 22.99 -11.91
CA ALA F 41 0.44 23.44 -13.12
C ALA F 41 -0.20 24.70 -13.69
N GLN F 42 -1.50 24.89 -13.47
CA GLN F 42 -2.18 26.09 -13.96
C GLN F 42 -1.76 27.32 -13.20
N ARG F 43 -1.33 27.17 -11.95
CA ARG F 43 -0.78 28.31 -11.22
C ARG F 43 0.48 28.85 -11.89
N ILE F 44 1.14 28.02 -12.67
CA ILE F 44 2.32 28.43 -13.41
C ILE F 44 1.97 28.88 -14.82
N ALA F 45 1.11 28.13 -15.52
CA ALA F 45 0.74 28.44 -16.89
C ALA F 45 -0.76 28.26 -17.01
N PRO F 46 -1.54 29.30 -16.71
CA PRO F 46 -3.00 29.15 -16.67
C PRO F 46 -3.67 28.99 -18.02
N ARG F 47 -2.96 29.24 -19.12
CA ARG F 47 -3.60 29.14 -20.43
C ARG F 47 -2.80 28.21 -21.33
N GLU F 48 -2.24 27.15 -20.76
CA GLU F 48 -1.47 26.18 -21.52
C GLU F 48 -2.40 25.09 -22.03
N PRO F 49 -2.63 24.97 -23.33
CA PRO F 49 -3.57 23.97 -23.83
C PRO F 49 -3.15 22.54 -23.47
N GLN F 50 -1.84 22.27 -23.43
CA GLN F 50 -1.38 20.95 -23.05
C GLN F 50 -1.73 20.61 -21.61
N VAL F 51 -1.66 21.58 -20.69
CA VAL F 51 -2.10 21.32 -19.32
C VAL F 51 -3.60 21.03 -19.29
N LEU F 52 -4.39 21.85 -19.99
CA LEU F 52 -5.84 21.67 -19.98
C LEU F 52 -6.23 20.34 -20.61
N TYR F 53 -5.49 19.91 -21.63
CA TYR F 53 -5.88 18.69 -22.31
C TYR F 53 -5.68 17.47 -21.41
N ARG F 54 -4.57 17.42 -20.69
CA ARG F 54 -4.38 16.38 -19.69
C ARG F 54 -5.41 16.50 -18.58
N LEU F 55 -5.71 17.72 -18.13
CA LEU F 55 -6.71 17.85 -17.09
C LEU F 55 -8.07 17.37 -17.58
N ALA F 56 -8.45 17.72 -18.82
CA ALA F 56 -9.70 17.20 -19.37
C ALA F 56 -9.70 15.68 -19.36
N GLN F 57 -8.57 15.06 -19.72
CA GLN F 57 -8.54 13.60 -19.77
C GLN F 57 -8.72 13.01 -18.39
N VAL F 58 -8.05 13.58 -17.40
CA VAL F 58 -8.16 13.05 -16.04
C VAL F 58 -9.59 13.16 -15.56
N ARG F 59 -10.21 14.33 -15.77
CA ARG F 59 -11.60 14.47 -15.36
C ARG F 59 -12.50 13.55 -16.19
N LEU F 60 -12.15 13.33 -17.45
CA LEU F 60 -12.93 12.37 -18.23
C LEU F 60 -12.81 10.98 -17.64
N ALA F 61 -11.60 10.62 -17.18
CA ALA F 61 -11.37 9.27 -16.67
C ALA F 61 -12.04 9.05 -15.31
N GLN F 62 -12.25 10.11 -14.54
CA GLN F 62 -13.04 10.07 -13.32
C GLN F 62 -14.54 9.97 -13.55
N GLY F 63 -15.01 10.12 -14.80
CA GLY F 63 -16.44 10.12 -15.06
C GLY F 63 -17.10 11.48 -14.91
N ASP F 64 -16.30 12.54 -14.81
CA ASP F 64 -16.81 13.89 -14.74
C ASP F 64 -16.81 14.50 -16.15
N ALA F 65 -17.76 14.01 -16.94
CA ALA F 65 -17.76 14.29 -18.37
C ALA F 65 -18.13 15.73 -18.68
N ALA F 66 -19.19 16.25 -18.03
CA ALA F 66 -19.52 17.67 -18.24
C ALA F 66 -18.33 18.56 -17.89
N GLN F 67 -17.65 18.26 -16.79
CA GLN F 67 -16.48 19.06 -16.40
C GLN F 67 -15.36 18.93 -17.40
N ALA F 68 -15.07 17.69 -17.83
CA ALA F 68 -14.02 17.44 -18.82
C ALA F 68 -14.25 18.23 -20.11
N GLU F 69 -15.49 18.24 -20.60
CA GLU F 69 -15.78 18.95 -21.84
C GLU F 69 -15.52 20.45 -21.72
N GLN F 70 -15.91 21.06 -20.59
CA GLN F 70 -15.65 22.49 -20.44
C GLN F 70 -14.14 22.77 -20.35
N VAL F 71 -13.39 21.92 -19.64
CA VAL F 71 -11.94 22.09 -19.59
C VAL F 71 -11.33 21.93 -20.98
N ALA F 72 -11.82 20.94 -21.74
CA ALA F 72 -11.29 20.73 -23.09
C ALA F 72 -11.64 21.89 -23.99
N ARG F 73 -12.88 22.41 -23.88
CA ARG F 73 -13.27 23.56 -24.69
C ARG F 73 -12.47 24.79 -24.32
N ARG F 74 -12.04 24.90 -23.06
CA ARG F 74 -11.17 26.02 -22.74
C ARG F 74 -9.80 25.84 -23.40
N GLY F 75 -9.26 24.61 -23.33
CA GLY F 75 -7.98 24.36 -23.97
C GLY F 75 -8.01 24.66 -25.46
N LEU F 76 -9.10 24.28 -26.12
CA LEU F 76 -9.27 24.58 -27.54
C LEU F 76 -8.95 26.03 -27.85
N SER F 77 -9.58 26.95 -27.13
CA SER F 77 -9.43 28.38 -27.39
C SER F 77 -8.00 28.86 -27.19
N TYR F 78 -7.14 28.03 -26.60
CA TYR F 78 -5.72 28.31 -26.47
C TYR F 78 -4.88 27.52 -27.46
N ALA F 79 -5.48 26.64 -28.26
CA ALA F 79 -4.77 25.68 -29.09
C ALA F 79 -4.59 26.13 -30.53
N ASN F 80 -4.80 27.40 -30.85
CA ASN F 80 -4.69 27.84 -32.23
C ASN F 80 -3.26 27.65 -32.74
N GLY F 81 -3.15 27.31 -34.02
CA GLY F 81 -1.86 26.96 -34.60
C GLY F 81 -1.25 25.69 -34.08
N ARG F 82 -2.03 24.84 -33.40
CA ARG F 82 -1.55 23.57 -32.85
C ARG F 82 -2.56 22.48 -33.20
N PRO F 83 -2.65 22.10 -34.48
CA PRO F 83 -3.73 21.20 -34.90
C PRO F 83 -3.62 19.81 -34.31
N ALA F 84 -2.42 19.35 -33.98
CA ALA F 84 -2.28 18.12 -33.21
C ALA F 84 -3.10 18.20 -31.94
N LEU F 85 -3.01 19.34 -31.25
CA LEU F 85 -3.74 19.55 -30.00
C LEU F 85 -5.21 19.85 -30.24
N GLN F 86 -5.53 20.63 -31.27
CA GLN F 86 -6.92 20.89 -31.60
C GLN F 86 -7.68 19.61 -31.85
N ALA F 87 -7.06 18.66 -32.59
CA ALA F 87 -7.73 17.40 -32.92
C ALA F 87 -7.92 16.53 -31.69
N GLY F 88 -6.89 16.43 -30.85
CA GLY F 88 -7.02 15.66 -29.62
C GLY F 88 -8.03 16.27 -28.65
N LEU F 89 -8.09 17.60 -28.59
CA LEU F 89 -9.08 18.24 -27.74
C LEU F 89 -10.50 17.99 -28.25
N TRP F 90 -10.68 17.93 -29.59
CA TRP F 90 -12.02 17.73 -30.15
C TRP F 90 -12.51 16.31 -29.92
N GLU F 91 -11.62 15.32 -30.11
CA GLU F 91 -11.99 13.93 -29.85
C GLU F 91 -12.28 13.69 -28.37
N LEU F 92 -11.52 14.31 -27.48
CA LEU F 92 -11.85 14.25 -26.06
C LEU F 92 -13.27 14.81 -25.82
N ILE F 93 -13.59 15.95 -26.43
CA ILE F 93 -14.93 16.51 -26.29
C ILE F 93 -15.97 15.52 -26.80
N ALA F 94 -15.65 14.81 -27.89
CA ALA F 94 -16.57 13.80 -28.42
C ALA F 94 -16.80 12.69 -27.41
N GLN F 95 -15.75 12.25 -26.72
CA GLN F 95 -15.91 11.20 -25.74
C GLN F 95 -16.67 11.70 -24.52
N ALA F 96 -16.40 12.94 -24.10
CA ALA F 96 -17.21 13.58 -23.06
C ALA F 96 -18.70 13.57 -23.42
N ARG F 97 -19.02 13.93 -24.66
CA ARG F 97 -20.43 13.97 -25.08
C ARG F 97 -21.08 12.59 -24.96
N GLU F 98 -20.39 11.56 -25.48
CA GLU F 98 -20.91 10.19 -25.41
C GLU F 98 -21.14 9.73 -23.98
N LYS F 99 -20.22 10.06 -23.08
CA LYS F 99 -20.37 9.68 -21.69
C LYS F 99 -21.60 10.31 -21.05
N GLN F 100 -21.93 11.53 -21.46
CA GLN F 100 -23.20 12.14 -21.07
C GLN F 100 -24.37 11.65 -21.91
N GLY F 101 -24.14 10.69 -22.81
CA GLY F 101 -25.20 10.12 -23.62
C GLY F 101 -25.70 11.03 -24.73
N ASP F 102 -24.79 11.75 -25.39
CA ASP F 102 -25.12 12.66 -26.49
C ASP F 102 -24.36 12.19 -27.73
N SER F 103 -24.74 11.01 -28.23
CA SER F 103 -24.04 10.41 -29.36
C SER F 103 -24.13 11.29 -30.61
N ALA F 104 -25.17 12.11 -30.71
CA ALA F 104 -25.31 13.03 -31.82
C ALA F 104 -24.29 14.17 -31.75
N GLY F 105 -24.11 14.75 -30.56
CA GLY F 105 -23.07 15.74 -30.38
C GLY F 105 -21.69 15.16 -30.57
N ALA F 106 -21.51 13.90 -30.15
CA ALA F 106 -20.24 13.23 -30.36
C ALA F 106 -19.90 13.17 -31.85
N ALA F 107 -20.88 12.79 -32.67
CA ALA F 107 -20.65 12.70 -34.11
C ALA F 107 -20.29 14.06 -34.70
N LEU F 108 -20.87 15.14 -34.17
CA LEU F 108 -20.59 16.47 -34.71
C LEU F 108 -19.27 17.03 -34.21
N ALA F 109 -18.84 16.63 -33.00
CA ALA F 109 -17.52 17.03 -32.53
C ALA F 109 -16.39 16.35 -33.30
N ARG F 110 -16.63 15.15 -33.83
CA ARG F 110 -15.64 14.47 -34.63
C ARG F 110 -15.58 14.96 -36.07
N GLN F 111 -16.43 15.93 -36.44
CA GLN F 111 -16.34 16.51 -37.77
C GLN F 111 -15.25 17.58 -37.86
N LYS F 112 -14.74 18.04 -36.72
CA LYS F 112 -13.66 19.02 -36.73
C LYS F 112 -12.37 18.44 -36.14
N ALA F 113 -11.99 17.23 -36.54
CA ALA F 113 -10.75 16.64 -36.04
C ALA F 113 -9.99 15.85 -37.11
N GLN G 10 2.69 18.76 -44.64
CA GLN G 10 1.85 18.20 -45.73
C GLN G 10 1.11 16.98 -45.17
N LEU G 11 1.86 15.91 -44.88
CA LEU G 11 1.31 14.65 -44.32
C LEU G 11 1.10 14.70 -42.81
N ASP G 12 1.27 15.86 -42.18
CA ASP G 12 0.90 16.02 -40.76
C ASP G 12 -0.58 15.63 -40.73
N GLY G 13 -1.36 16.13 -41.69
CA GLY G 13 -2.79 15.80 -41.79
C GLY G 13 -3.05 14.30 -41.70
N PRO G 14 -2.56 13.48 -42.64
CA PRO G 14 -2.79 12.04 -42.57
C PRO G 14 -2.39 11.37 -41.25
N VAL G 15 -1.21 11.67 -40.71
CA VAL G 15 -0.80 11.07 -39.43
C VAL G 15 -1.76 11.49 -38.34
N LEU G 16 -2.16 12.77 -38.35
CA LEU G 16 -3.10 13.26 -37.35
C LEU G 16 -4.41 12.47 -37.41
N ALA G 17 -4.91 12.21 -38.62
CA ALA G 17 -6.17 11.48 -38.76
C ALA G 17 -6.09 10.11 -38.11
N MET G 18 -4.95 9.44 -38.23
CA MET G 18 -4.78 8.11 -37.66
C MET G 18 -4.55 8.15 -36.15
N LEU G 19 -3.87 9.17 -35.64
CA LEU G 19 -3.78 9.34 -34.19
C LEU G 19 -5.15 9.63 -33.59
N THR G 20 -5.97 10.43 -34.28
CA THR G 20 -7.33 10.67 -33.81
C THR G 20 -8.16 9.39 -33.85
N THR G 21 -8.02 8.60 -34.90
CA THR G 21 -8.75 7.34 -34.97
C THR G 21 -8.35 6.42 -33.84
N ALA G 22 -7.05 6.18 -33.68
CA ALA G 22 -6.56 5.36 -32.58
C ALA G 22 -7.05 5.90 -31.24
N GLN G 23 -7.12 7.22 -31.11
CA GLN G 23 -7.56 7.82 -29.86
C GLN G 23 -9.04 7.54 -29.61
N GLN G 24 -9.87 7.64 -30.66
CA GLN G 24 -11.24 7.19 -30.54
C GLN G 24 -11.30 5.71 -30.14
N GLN G 25 -10.55 4.86 -30.84
CA GLN G 25 -10.58 3.42 -30.56
C GLN G 25 -10.07 3.11 -29.14
N GLN G 26 -8.99 3.75 -28.71
CA GLN G 26 -8.56 3.58 -27.33
C GLN G 26 -9.66 4.00 -26.35
N GLY G 27 -10.32 5.12 -26.61
CA GLY G 27 -11.42 5.53 -25.76
C GLY G 27 -12.59 4.57 -25.76
N SER G 28 -12.74 3.78 -26.81
CA SER G 28 -13.80 2.76 -26.88
C SER G 28 -13.43 1.46 -26.18
N GLY G 29 -12.22 1.35 -25.63
CA GLY G 29 -11.75 0.12 -25.03
C GLY G 29 -11.14 -0.87 -26.01
N ASP G 30 -11.16 -0.57 -27.32
CA ASP G 30 -10.56 -1.44 -28.34
C ASP G 30 -9.10 -1.04 -28.54
N LEU G 31 -8.25 -1.54 -27.64
CA LEU G 31 -6.82 -1.29 -27.76
C LEU G 31 -6.21 -2.02 -28.94
N ASN G 32 -6.77 -3.17 -29.32
CA ASN G 32 -6.24 -3.88 -30.49
C ASN G 32 -6.39 -3.03 -31.75
N SER G 33 -7.54 -2.37 -31.95
CA SER G 33 -7.71 -1.54 -33.13
C SER G 33 -6.87 -0.27 -33.03
N ALA G 34 -6.78 0.33 -31.84
CA ALA G 34 -5.91 1.49 -31.65
C ALA G 34 -4.49 1.19 -32.10
N ALA G 35 -3.95 0.03 -31.70
CA ALA G 35 -2.59 -0.31 -32.07
C ALA G 35 -2.44 -0.51 -33.57
N ALA G 36 -3.40 -1.19 -34.20
CA ALA G 36 -3.39 -1.35 -35.65
C ALA G 36 -3.41 0.01 -36.35
N SER G 37 -4.20 0.96 -35.86
CA SER G 37 -4.20 2.31 -36.42
C SER G 37 -2.83 2.96 -36.30
N LEU G 38 -2.15 2.74 -35.16
CA LEU G 38 -0.86 3.37 -34.95
C LEU G 38 0.23 2.71 -35.79
N GLU G 39 0.21 1.39 -35.94
CA GLU G 39 1.10 0.77 -36.92
C GLU G 39 0.79 1.26 -38.33
N ARG G 40 -0.48 1.54 -38.63
CA ARG G 40 -0.84 2.14 -39.92
C ARG G 40 -0.26 3.55 -40.06
N ALA G 41 -0.30 4.35 -39.00
CA ALA G 41 0.31 5.68 -39.06
C ALA G 41 1.82 5.60 -39.31
N GLN G 42 2.47 4.54 -38.81
CA GLN G 42 3.90 4.41 -39.07
C GLN G 42 4.22 4.18 -40.55
N ARG G 43 3.26 3.69 -41.33
CA ARG G 43 3.50 3.59 -42.77
C ARG G 43 3.68 4.95 -43.38
N ILE G 44 3.12 5.98 -42.74
CA ILE G 44 3.26 7.37 -43.20
C ILE G 44 4.43 8.07 -42.50
N ALA G 45 4.55 7.90 -41.18
CA ALA G 45 5.59 8.56 -40.39
C ALA G 45 6.33 7.50 -39.57
N PRO G 46 7.29 6.82 -40.19
CA PRO G 46 8.10 5.79 -39.48
C PRO G 46 8.68 6.23 -38.16
N ARG G 47 9.09 7.48 -38.07
CA ARG G 47 9.97 7.95 -37.01
C ARG G 47 9.36 9.17 -36.34
N GLU G 48 8.03 9.17 -36.24
CA GLU G 48 7.33 10.24 -35.53
C GLU G 48 7.23 9.81 -34.07
N PRO G 49 7.97 10.45 -33.16
CA PRO G 49 7.92 10.03 -31.76
C PRO G 49 6.56 10.18 -31.12
N GLN G 50 5.68 11.02 -31.67
CA GLN G 50 4.32 11.10 -31.15
C GLN G 50 3.58 9.80 -31.39
N VAL G 51 3.74 9.23 -32.58
CA VAL G 51 3.12 7.95 -32.89
C VAL G 51 3.64 6.87 -31.94
N LEU G 52 4.96 6.76 -31.83
CA LEU G 52 5.54 5.76 -30.93
C LEU G 52 5.11 5.98 -29.49
N TYR G 53 5.01 7.24 -29.06
CA TYR G 53 4.52 7.50 -27.71
C TYR G 53 3.14 6.90 -27.53
N ARG G 54 2.22 7.19 -28.45
CA ARG G 54 0.88 6.64 -28.34
C ARG G 54 0.90 5.13 -28.44
N LEU G 55 1.68 4.58 -29.37
CA LEU G 55 1.73 3.12 -29.53
C LEU G 55 2.29 2.45 -28.28
N ALA G 56 3.37 3.00 -27.74
CA ALA G 56 3.89 2.48 -26.48
C ALA G 56 2.82 2.55 -25.40
N GLN G 57 2.08 3.67 -25.34
CA GLN G 57 1.03 3.80 -24.36
C GLN G 57 -0.01 2.70 -24.51
N VAL G 58 -0.48 2.47 -25.74
CA VAL G 58 -1.50 1.45 -25.97
C VAL G 58 -0.97 0.07 -25.58
N ARG G 59 0.27 -0.25 -25.96
CA ARG G 59 0.86 -1.54 -25.60
C ARG G 59 0.97 -1.68 -24.10
N LEU G 60 1.42 -0.63 -23.41
CA LEU G 60 1.44 -0.68 -21.96
C LEU G 60 0.05 -0.95 -21.42
N ALA G 61 -0.98 -0.32 -22.00
CA ALA G 61 -2.35 -0.52 -21.52
C ALA G 61 -2.86 -1.92 -21.79
N GLN G 62 -2.30 -2.64 -22.76
CA GLN G 62 -2.60 -4.04 -22.99
C GLN G 62 -1.87 -4.97 -22.02
N GLY G 63 -0.89 -4.46 -21.27
CA GLY G 63 -0.09 -5.26 -20.38
C GLY G 63 1.23 -5.70 -20.97
N ASP G 64 1.46 -5.46 -22.26
CA ASP G 64 2.68 -5.89 -22.93
C ASP G 64 3.77 -4.83 -22.68
N ALA G 65 4.36 -4.90 -21.49
CA ALA G 65 5.20 -3.80 -21.03
C ALA G 65 6.57 -3.84 -21.66
N ALA G 66 7.13 -5.05 -21.84
CA ALA G 66 8.44 -5.16 -22.47
C ALA G 66 8.40 -4.66 -23.91
N GLN G 67 7.30 -4.92 -24.62
CA GLN G 67 7.14 -4.33 -25.95
C GLN G 67 7.04 -2.82 -25.85
N ALA G 68 6.17 -2.34 -24.94
CA ALA G 68 5.94 -0.90 -24.81
C ALA G 68 7.23 -0.17 -24.45
N GLU G 69 8.08 -0.76 -23.61
CA GLU G 69 9.36 -0.14 -23.28
C GLU G 69 10.22 0.01 -24.53
N GLN G 70 10.29 -1.05 -25.36
CA GLN G 70 11.08 -1.00 -26.57
C GLN G 70 10.51 0.02 -27.57
N VAL G 71 9.20 0.07 -27.71
CA VAL G 71 8.60 1.09 -28.54
C VAL G 71 8.95 2.48 -28.00
N ALA G 72 8.81 2.68 -26.69
CA ALA G 72 9.09 3.99 -26.12
C ALA G 72 10.56 4.35 -26.27
N ARG G 73 11.47 3.39 -26.04
CA ARG G 73 12.89 3.68 -26.26
C ARG G 73 13.16 4.06 -27.71
N ARG G 74 12.56 3.35 -28.66
CA ARG G 74 12.64 3.81 -30.05
C ARG G 74 12.11 5.23 -30.19
N GLY G 75 10.95 5.51 -29.60
CA GLY G 75 10.45 6.88 -29.64
C GLY G 75 11.43 7.86 -29.02
N LEU G 76 12.11 7.44 -27.95
CA LEU G 76 13.08 8.30 -27.29
C LEU G 76 14.18 8.74 -28.26
N SER G 77 14.60 7.85 -29.17
CA SER G 77 15.73 8.17 -30.02
C SER G 77 15.39 9.14 -31.13
N TYR G 78 14.11 9.34 -31.43
CA TYR G 78 13.68 10.34 -32.39
C TYR G 78 13.23 11.63 -31.72
N ALA G 79 13.33 11.70 -30.40
CA ALA G 79 12.75 12.78 -29.63
C ALA G 79 13.78 13.80 -29.19
N ASN G 80 14.93 13.85 -29.85
CA ASN G 80 15.97 14.79 -29.43
C ASN G 80 15.47 16.22 -29.56
N GLY G 81 15.71 17.01 -28.51
CA GLY G 81 15.28 18.38 -28.50
C GLY G 81 13.78 18.59 -28.38
N ARG G 82 13.07 17.61 -27.84
CA ARG G 82 11.64 17.73 -27.55
C ARG G 82 11.43 17.31 -26.10
N PRO G 83 11.68 18.20 -25.13
CA PRO G 83 11.72 17.76 -23.73
C PRO G 83 10.36 17.35 -23.19
N ALA G 84 9.26 17.96 -23.64
CA ALA G 84 7.95 17.53 -23.16
C ALA G 84 7.68 16.08 -23.52
N LEU G 85 8.18 15.64 -24.67
CA LEU G 85 7.97 14.27 -25.12
C LEU G 85 9.02 13.31 -24.58
N GLN G 86 10.28 13.77 -24.38
CA GLN G 86 11.28 12.92 -23.74
C GLN G 86 10.91 12.60 -22.31
N ALA G 87 10.35 13.59 -21.57
CA ALA G 87 9.88 13.32 -20.23
C ALA G 87 8.76 12.28 -20.24
N GLY G 88 7.81 12.44 -21.16
CA GLY G 88 6.67 11.54 -21.22
C GLY G 88 7.06 10.12 -21.58
N LEU G 89 8.03 9.96 -22.49
CA LEU G 89 8.47 8.62 -22.86
C LEU G 89 9.21 7.95 -21.71
N TRP G 90 10.10 8.69 -21.02
CA TRP G 90 10.79 8.12 -19.86
C TRP G 90 9.81 7.69 -18.79
N GLU G 91 8.77 8.50 -18.54
CA GLU G 91 7.76 8.10 -17.57
C GLU G 91 7.03 6.84 -18.03
N LEU G 92 6.77 6.72 -19.33
CA LEU G 92 6.18 5.48 -19.85
C LEU G 92 7.13 4.30 -19.61
N ILE G 93 8.42 4.51 -19.80
CA ILE G 93 9.39 3.44 -19.60
C ILE G 93 9.44 3.04 -18.14
N ALA G 94 9.33 4.01 -17.24
CA ALA G 94 9.25 3.72 -15.81
C ALA G 94 8.05 2.83 -15.49
N GLN G 95 6.87 3.23 -15.98
CA GLN G 95 5.67 2.44 -15.74
C GLN G 95 5.76 1.05 -16.37
N ALA G 96 6.40 0.95 -17.54
CA ALA G 96 6.67 -0.37 -18.09
C ALA G 96 7.59 -1.19 -17.18
N ARG G 97 8.69 -0.58 -16.71
CA ARG G 97 9.55 -1.30 -15.76
C ARG G 97 8.77 -1.78 -14.56
N GLU G 98 7.90 -0.90 -14.00
CA GLU G 98 7.07 -1.27 -12.85
C GLU G 98 6.22 -2.50 -13.14
N LYS G 99 5.47 -2.49 -14.25
CA LYS G 99 4.61 -3.61 -14.55
C LYS G 99 5.40 -4.86 -14.95
N GLN G 100 6.67 -4.70 -15.31
CA GLN G 100 7.54 -5.85 -15.43
C GLN G 100 8.12 -6.29 -14.10
N GLY G 101 7.83 -5.56 -13.02
CA GLY G 101 8.32 -5.93 -11.72
C GLY G 101 9.69 -5.40 -11.36
N ASP G 102 10.22 -4.44 -12.12
CA ASP G 102 11.51 -3.83 -11.84
C ASP G 102 11.26 -2.44 -11.27
N SER G 103 10.89 -2.39 -9.99
CA SER G 103 10.74 -1.11 -9.29
C SER G 103 12.04 -0.31 -9.26
N ALA G 104 13.20 -0.97 -9.22
CA ALA G 104 14.46 -0.24 -9.30
C ALA G 104 14.62 0.43 -10.66
N GLY G 105 14.40 -0.33 -11.75
CA GLY G 105 14.46 0.27 -13.07
C GLY G 105 13.45 1.40 -13.23
N ALA G 106 12.29 1.27 -12.60
CA ALA G 106 11.30 2.34 -12.69
C ALA G 106 11.79 3.60 -12.01
N ALA G 107 12.35 3.46 -10.80
CA ALA G 107 12.97 4.59 -10.12
C ALA G 107 14.10 5.21 -10.94
N LEU G 108 14.98 4.36 -11.54
CA LEU G 108 16.08 4.86 -12.35
C LEU G 108 15.58 5.57 -13.60
N ALA G 109 14.55 5.04 -14.24
CA ALA G 109 14.00 5.72 -15.41
C ALA G 109 13.40 7.07 -15.05
N ARG G 110 12.98 7.26 -13.80
CA ARG G 110 12.36 8.53 -13.45
C ARG G 110 13.38 9.63 -13.21
N GLN G 111 14.63 9.27 -12.85
CA GLN G 111 15.68 10.29 -12.75
C GLN G 111 15.95 10.88 -14.12
N LYS G 112 15.86 10.07 -15.17
CA LYS G 112 16.00 10.53 -16.56
C LYS G 112 14.81 11.40 -16.98
N GLN H 10 -12.20 -5.89 -10.41
CA GLN H 10 -12.84 -6.89 -9.55
C GLN H 10 -14.23 -6.41 -9.16
N LEU H 11 -15.05 -7.32 -8.62
CA LEU H 11 -16.42 -7.00 -8.25
C LEU H 11 -16.46 -6.05 -7.07
N ASP H 12 -17.54 -5.27 -6.98
CA ASP H 12 -17.68 -4.31 -5.89
C ASP H 12 -17.97 -5.06 -4.59
N GLY H 13 -16.90 -5.25 -3.80
CA GLY H 13 -16.95 -5.95 -2.54
C GLY H 13 -18.04 -5.48 -1.58
N PRO H 14 -18.10 -4.17 -1.28
CA PRO H 14 -19.13 -3.71 -0.33
C PRO H 14 -20.56 -4.05 -0.77
N VAL H 15 -20.94 -3.73 -2.01
CA VAL H 15 -22.31 -4.06 -2.43
C VAL H 15 -22.51 -5.57 -2.47
N LEU H 16 -21.56 -6.31 -3.06
CA LEU H 16 -21.68 -7.76 -3.12
C LEU H 16 -21.80 -8.37 -1.71
N ALA H 17 -21.04 -7.84 -0.75
CA ALA H 17 -21.17 -8.31 0.63
C ALA H 17 -22.60 -8.16 1.14
N MET H 18 -23.28 -7.06 0.79
CA MET H 18 -24.66 -6.87 1.22
C MET H 18 -25.61 -7.77 0.44
N LEU H 19 -25.37 -7.95 -0.86
CA LEU H 19 -26.17 -8.90 -1.63
C LEU H 19 -26.02 -10.31 -1.08
N THR H 20 -24.80 -10.69 -0.71
CA THR H 20 -24.55 -12.03 -0.20
C THR H 20 -25.24 -12.23 1.14
N THR H 21 -25.09 -11.24 2.04
CA THR H 21 -25.77 -11.27 3.33
C THR H 21 -27.28 -11.32 3.16
N ALA H 22 -27.84 -10.49 2.28
CA ALA H 22 -29.27 -10.51 2.06
C ALA H 22 -29.74 -11.87 1.57
N GLN H 23 -29.00 -12.46 0.62
CA GLN H 23 -29.44 -13.74 0.05
C GLN H 23 -29.40 -14.83 1.10
N GLN H 24 -28.40 -14.80 1.96
CA GLN H 24 -28.34 -15.76 3.05
C GLN H 24 -29.45 -15.51 4.05
N GLN H 25 -29.74 -14.24 4.37
CA GLN H 25 -30.90 -13.92 5.19
C GLN H 25 -32.19 -14.37 4.53
N GLN H 26 -32.40 -14.04 3.24
CA GLN H 26 -33.60 -14.53 2.57
C GLN H 26 -33.67 -16.05 2.59
N GLY H 27 -32.53 -16.71 2.36
CA GLY H 27 -32.52 -18.17 2.38
C GLY H 27 -32.89 -18.73 3.73
N SER H 28 -32.51 -18.06 4.81
CA SER H 28 -32.87 -18.47 6.16
C SER H 28 -34.33 -18.20 6.49
N GLY H 29 -35.07 -17.51 5.61
CA GLY H 29 -36.45 -17.18 5.86
C GLY H 29 -36.67 -15.88 6.59
N ASP H 30 -35.64 -15.05 6.76
CA ASP H 30 -35.76 -13.75 7.41
C ASP H 30 -35.75 -12.69 6.31
N LEU H 31 -36.93 -12.43 5.74
CA LEU H 31 -37.01 -11.43 4.68
C LEU H 31 -36.94 -10.03 5.25
N ASN H 32 -37.37 -9.84 6.49
CA ASN H 32 -37.18 -8.55 7.13
C ASN H 32 -35.71 -8.15 7.12
N SER H 33 -34.83 -9.06 7.53
CA SER H 33 -33.42 -8.74 7.55
C SER H 33 -32.86 -8.57 6.14
N ALA H 34 -33.24 -9.44 5.21
CA ALA H 34 -32.76 -9.30 3.84
C ALA H 34 -33.12 -7.92 3.27
N ALA H 35 -34.35 -7.47 3.51
CA ALA H 35 -34.74 -6.16 3.02
C ALA H 35 -33.89 -5.06 3.65
N ALA H 36 -33.64 -5.13 4.96
CA ALA H 36 -32.76 -4.17 5.62
C ALA H 36 -31.36 -4.20 5.03
N SER H 37 -30.82 -5.40 4.77
CA SER H 37 -29.52 -5.50 4.12
C SER H 37 -29.51 -4.82 2.75
N LEU H 38 -30.58 -4.98 1.99
CA LEU H 38 -30.60 -4.40 0.66
C LEU H 38 -30.86 -2.90 0.70
N GLU H 39 -31.61 -2.41 1.69
CA GLU H 39 -31.75 -0.98 1.87
C GLU H 39 -30.44 -0.36 2.31
N ARG H 40 -29.60 -1.13 3.02
CA ARG H 40 -28.26 -0.67 3.33
C ARG H 40 -27.38 -0.65 2.08
N ALA H 41 -27.52 -1.67 1.22
CA ALA H 41 -26.76 -1.70 -0.03
C ALA H 41 -27.06 -0.48 -0.89
N GLN H 42 -28.30 0.01 -0.85
CA GLN H 42 -28.64 1.24 -1.55
C GLN H 42 -27.86 2.43 -1.04
N ARG H 43 -27.41 2.40 0.21
CA ARG H 43 -26.61 3.52 0.69
C ARG H 43 -25.27 3.61 -0.02
N ILE H 44 -24.75 2.50 -0.52
CA ILE H 44 -23.50 2.48 -1.26
C ILE H 44 -23.73 2.59 -2.76
N ALA H 45 -24.76 1.94 -3.30
CA ALA H 45 -25.08 1.98 -4.73
C ALA H 45 -26.54 2.36 -4.87
N PRO H 46 -26.86 3.66 -4.77
CA PRO H 46 -28.28 4.06 -4.67
C PRO H 46 -29.03 3.74 -5.90
N ARG H 47 -28.29 3.44 -6.96
CA ARG H 47 -28.92 3.34 -8.24
C ARG H 47 -28.39 2.13 -9.03
N GLU H 48 -28.21 1.03 -8.31
CA GLU H 48 -27.75 -0.21 -8.92
C GLU H 48 -28.97 -1.10 -9.14
N PRO H 49 -29.32 -1.45 -10.40
CA PRO H 49 -30.53 -2.25 -10.60
C PRO H 49 -30.43 -3.65 -10.05
N GLN H 50 -29.23 -4.21 -9.91
CA GLN H 50 -29.09 -5.53 -9.27
C GLN H 50 -29.60 -5.47 -7.84
N VAL H 51 -29.37 -4.34 -7.16
CA VAL H 51 -29.90 -4.18 -5.81
C VAL H 51 -31.42 -4.10 -5.84
N LEU H 52 -31.97 -3.20 -6.65
CA LEU H 52 -33.43 -3.05 -6.68
C LEU H 52 -34.12 -4.32 -7.14
N TYR H 53 -33.47 -5.08 -8.03
CA TYR H 53 -33.99 -6.36 -8.45
C TYR H 53 -34.14 -7.31 -7.27
N ARG H 54 -33.09 -7.45 -6.46
CA ARG H 54 -33.17 -8.32 -5.30
C ARG H 54 -34.16 -7.79 -4.27
N LEU H 55 -34.18 -6.48 -4.06
CA LEU H 55 -35.13 -5.90 -3.11
C LEU H 55 -36.57 -6.17 -3.53
N ALA H 56 -36.90 -5.90 -4.79
CA ALA H 56 -38.24 -6.17 -5.32
C ALA H 56 -38.65 -7.62 -5.08
N GLN H 57 -37.76 -8.56 -5.42
CA GLN H 57 -37.98 -9.98 -5.14
C GLN H 57 -38.30 -10.22 -3.67
N VAL H 58 -37.49 -9.67 -2.78
CA VAL H 58 -37.67 -9.88 -1.35
C VAL H 58 -39.00 -9.31 -0.89
N ARG H 59 -39.34 -8.11 -1.36
CA ARG H 59 -40.65 -7.53 -1.00
C ARG H 59 -41.81 -8.31 -1.60
N LEU H 60 -41.62 -8.92 -2.77
CA LEU H 60 -42.67 -9.75 -3.34
C LEU H 60 -42.80 -11.06 -2.58
N ALA H 61 -41.68 -11.60 -2.13
CA ALA H 61 -41.73 -12.77 -1.28
C ALA H 61 -42.45 -12.50 0.03
N GLN H 62 -42.39 -11.26 0.53
CA GLN H 62 -43.18 -10.87 1.69
C GLN H 62 -44.67 -10.70 1.40
N GLY H 63 -45.07 -10.70 0.13
CA GLY H 63 -46.44 -10.47 -0.25
C GLY H 63 -46.79 -9.01 -0.49
N ASP H 64 -45.88 -8.09 -0.15
CA ASP H 64 -46.10 -6.68 -0.41
C ASP H 64 -45.82 -6.43 -1.89
N ALA H 65 -46.82 -6.79 -2.71
CA ALA H 65 -46.65 -6.83 -4.17
C ALA H 65 -46.66 -5.44 -4.80
N ALA H 66 -47.53 -4.55 -4.31
CA ALA H 66 -47.56 -3.19 -4.82
C ALA H 66 -46.22 -2.50 -4.61
N GLN H 67 -45.61 -2.69 -3.45
CA GLN H 67 -44.27 -2.11 -3.21
C GLN H 67 -43.24 -2.73 -4.16
N ALA H 68 -43.22 -4.07 -4.26
CA ALA H 68 -42.24 -4.73 -5.11
C ALA H 68 -42.33 -4.24 -6.55
N GLU H 69 -43.54 -3.98 -7.05
CA GLU H 69 -43.66 -3.57 -8.44
C GLU H 69 -43.00 -2.22 -8.65
N GLN H 70 -43.13 -1.34 -7.66
CA GLN H 70 -42.59 0.01 -7.79
C GLN H 70 -41.07 0.03 -7.67
N VAL H 71 -40.51 -0.79 -6.79
CA VAL H 71 -39.05 -0.97 -6.75
C VAL H 71 -38.52 -1.60 -8.04
N ALA H 72 -39.23 -2.60 -8.55
CA ALA H 72 -38.83 -3.21 -9.83
C ALA H 72 -38.87 -2.19 -10.98
N ARG H 73 -39.93 -1.37 -11.05
CA ARG H 73 -40.01 -0.36 -12.09
C ARG H 73 -38.94 0.70 -11.92
N ARG H 74 -38.60 1.04 -10.68
CA ARG H 74 -37.43 1.90 -10.45
C ARG H 74 -36.18 1.26 -11.02
N GLY H 75 -35.88 0.02 -10.61
CA GLY H 75 -34.70 -0.66 -11.13
C GLY H 75 -34.67 -0.74 -12.64
N LEU H 76 -35.83 -0.93 -13.25
CA LEU H 76 -35.89 -1.03 -14.71
C LEU H 76 -35.44 0.27 -15.35
N SER H 77 -35.74 1.41 -14.71
CA SER H 77 -35.33 2.69 -15.27
C SER H 77 -33.81 2.91 -15.26
N TYR H 78 -33.08 2.04 -14.57
CA TYR H 78 -31.61 2.14 -14.52
C TYR H 78 -30.98 0.94 -15.24
N ALA H 79 -31.78 0.18 -15.99
CA ALA H 79 -31.38 -1.05 -16.62
C ALA H 79 -31.17 -0.90 -18.12
N ASN H 80 -31.11 0.34 -18.60
CA ASN H 80 -30.80 0.59 -20.00
C ASN H 80 -29.44 0.00 -20.34
N GLY H 81 -29.41 -0.86 -21.37
CA GLY H 81 -28.21 -1.58 -21.73
C GLY H 81 -27.97 -2.86 -20.96
N ARG H 82 -28.89 -3.27 -20.09
CA ARG H 82 -28.78 -4.52 -19.35
C ARG H 82 -29.97 -5.40 -19.70
N PRO H 83 -29.98 -6.01 -20.91
CA PRO H 83 -31.16 -6.79 -21.33
C PRO H 83 -31.53 -7.92 -20.38
N ALA H 84 -30.55 -8.63 -19.79
CA ALA H 84 -30.91 -9.72 -18.89
C ALA H 84 -31.63 -9.22 -17.65
N LEU H 85 -31.17 -8.09 -17.09
CA LEU H 85 -31.84 -7.50 -15.93
C LEU H 85 -33.23 -6.99 -16.29
N GLN H 86 -33.35 -6.35 -17.44
CA GLN H 86 -34.66 -5.91 -17.93
C GLN H 86 -35.65 -7.07 -17.95
N ALA H 87 -35.22 -8.20 -18.50
CA ALA H 87 -36.08 -9.37 -18.58
C ALA H 87 -36.47 -9.85 -17.18
N GLY H 88 -35.53 -9.82 -16.23
CA GLY H 88 -35.83 -10.29 -14.89
C GLY H 88 -36.75 -9.33 -14.15
N LEU H 89 -36.55 -8.02 -14.33
CA LEU H 89 -37.40 -7.02 -13.69
C LEU H 89 -38.83 -7.06 -14.21
N TRP H 90 -38.99 -7.19 -15.53
CA TRP H 90 -40.32 -7.36 -16.11
C TRP H 90 -40.99 -8.61 -15.57
N GLU H 91 -40.26 -9.72 -15.46
CA GLU H 91 -40.87 -10.93 -14.90
C GLU H 91 -41.31 -10.71 -13.46
N LEU H 92 -40.52 -9.95 -12.68
CA LEU H 92 -40.92 -9.62 -11.33
C LEU H 92 -42.19 -8.78 -11.31
N ILE H 93 -42.28 -7.79 -12.20
CA ILE H 93 -43.48 -6.96 -12.27
C ILE H 93 -44.70 -7.82 -12.58
N ALA H 94 -44.57 -8.74 -13.54
CA ALA H 94 -45.68 -9.62 -13.88
C ALA H 94 -46.13 -10.44 -12.67
N GLN H 95 -45.18 -10.96 -11.91
CA GLN H 95 -45.56 -11.69 -10.70
C GLN H 95 -46.24 -10.77 -9.70
N ALA H 96 -45.76 -9.54 -9.58
CA ALA H 96 -46.37 -8.59 -8.66
C ALA H 96 -47.80 -8.27 -9.07
N ARG H 97 -48.09 -8.27 -10.38
CA ARG H 97 -49.46 -8.09 -10.84
C ARG H 97 -50.30 -9.33 -10.50
N GLU H 98 -49.78 -10.52 -10.83
CA GLU H 98 -50.47 -11.78 -10.51
C GLU H 98 -50.92 -11.83 -9.06
N LYS H 99 -50.01 -11.53 -8.11
CA LYS H 99 -50.43 -11.54 -6.71
C LYS H 99 -51.30 -10.35 -6.37
N GLN H 100 -51.25 -9.26 -7.15
CA GLN H 100 -52.23 -8.21 -6.97
C GLN H 100 -53.59 -8.56 -7.60
N GLY H 101 -53.85 -9.83 -7.85
CA GLY H 101 -55.09 -10.30 -8.42
C GLY H 101 -55.34 -9.93 -9.87
N ASP H 102 -54.31 -9.47 -10.58
CA ASP H 102 -54.45 -8.84 -11.90
C ASP H 102 -53.80 -9.73 -12.96
N SER H 103 -54.52 -10.80 -13.34
CA SER H 103 -54.00 -11.71 -14.37
C SER H 103 -53.79 -10.99 -15.70
N ALA H 104 -54.60 -9.98 -16.00
CA ALA H 104 -54.44 -9.20 -17.22
C ALA H 104 -53.07 -8.55 -17.29
N GLY H 105 -52.78 -7.66 -16.35
CA GLY H 105 -51.52 -6.93 -16.38
C GLY H 105 -50.29 -7.83 -16.38
N ALA H 106 -50.38 -8.97 -15.71
CA ALA H 106 -49.27 -9.91 -15.73
C ALA H 106 -48.98 -10.38 -17.15
N ALA H 107 -50.02 -10.65 -17.93
CA ALA H 107 -49.83 -11.10 -19.31
C ALA H 107 -49.12 -10.04 -20.14
N LEU H 108 -49.43 -8.76 -19.90
CA LEU H 108 -48.83 -7.70 -20.71
C LEU H 108 -47.39 -7.40 -20.30
N ALA H 109 -47.06 -7.57 -19.03
CA ALA H 109 -45.66 -7.41 -18.62
C ALA H 109 -44.78 -8.41 -19.34
N ARG H 110 -45.27 -9.64 -19.51
CA ARG H 110 -44.42 -10.71 -20.03
C ARG H 110 -44.10 -10.53 -21.50
N GLN H 111 -44.96 -9.85 -22.26
CA GLN H 111 -44.66 -9.60 -23.66
C GLN H 111 -43.62 -8.48 -23.85
N LYS H 112 -43.60 -7.48 -22.97
CA LYS H 112 -42.56 -6.45 -23.03
C LYS H 112 -41.19 -7.02 -22.72
N ALA H 113 -41.14 -8.01 -21.82
CA ALA H 113 -39.88 -8.63 -21.45
C ALA H 113 -39.20 -9.26 -22.67
N LYS H 114 -39.90 -10.18 -23.33
CA LYS H 114 -39.33 -10.92 -24.45
C LYS H 114 -38.88 -10.03 -25.60
N VAL H 115 -39.24 -8.75 -25.60
CA VAL H 115 -38.71 -7.80 -26.59
C VAL H 115 -38.82 -6.36 -26.10
S SO4 I . 3.66 25.16 5.08
O1 SO4 I . 4.79 24.29 4.77
O2 SO4 I . 3.91 26.54 4.74
O3 SO4 I . 2.45 24.70 4.38
O4 SO4 I . 3.40 25.11 6.51
S SO4 J . 22.79 29.57 33.71
O1 SO4 J . 23.91 28.95 33.00
O2 SO4 J . 22.97 31.02 33.72
O3 SO4 J . 21.52 29.26 33.04
O4 SO4 J . 22.72 29.08 35.09
S SO4 K . 19.40 -0.79 -15.84
O1 SO4 K . 20.07 -1.84 -16.61
O2 SO4 K . 19.55 0.54 -16.44
O3 SO4 K . 17.98 -1.09 -15.66
O4 SO4 K . 20.04 -0.75 -14.52
S SO4 L . 43.12 -9.83 -1.23
O1 SO4 L . 43.33 -10.48 -2.53
O2 SO4 L . 44.24 -8.93 -0.96
O3 SO4 L . 41.88 -9.07 -1.27
O4 SO4 L . 43.04 -10.84 -0.17
S SO4 M . 25.04 -18.24 30.54
O1 SO4 M . 25.50 -19.62 30.42
O2 SO4 M . 26.14 -17.36 30.19
O3 SO4 M . 23.91 -18.01 29.65
O4 SO4 M . 24.57 -17.97 31.88
S SO4 N . 15.44 -30.76 6.02
O1 SO4 N . 16.24 -31.98 5.88
O2 SO4 N . 15.92 -29.77 5.07
O3 SO4 N . 14.03 -31.06 5.76
O4 SO4 N . 15.56 -30.24 7.38
S SO4 O . 0.22 5.40 38.97
O1 SO4 O . 0.15 4.15 38.21
O2 SO4 O . 1.09 6.33 38.26
O3 SO4 O . -1.10 5.98 39.11
O4 SO4 O . 0.74 5.13 40.30
C1 PGE P . -16.42 -9.92 4.00
O1 PGE P . -16.52 -11.26 4.37
C2 PGE P . -16.63 -9.78 2.49
O2 PGE P . -16.41 -8.45 2.08
C3 PGE P . -15.31 -8.27 1.22
C4 PGE P . -15.44 -6.97 0.45
O4 PGE P . -12.41 -5.22 2.87
C6 PGE P . -12.72 -5.20 1.51
C5 PGE P . -13.21 -6.58 1.08
O3 PGE P . -14.18 -6.48 0.07
S SO4 Q . 2.03 24.58 -2.93
O1 SO4 Q . 3.26 23.95 -2.46
O2 SO4 Q . 1.56 23.91 -4.13
O3 SO4 Q . 2.28 26.00 -3.23
O4 SO4 Q . 1.01 24.44 -1.90
S SO4 R . -20.88 25.67 -25.11
O1 SO4 R . -21.59 24.68 -25.92
O2 SO4 R . -19.58 25.92 -25.74
O3 SO4 R . -21.63 26.92 -25.05
O4 SO4 R . -20.71 25.14 -23.75
S SO4 S . 19.38 3.88 -20.81
O1 SO4 S . 20.26 2.74 -21.08
O2 SO4 S . 19.50 4.87 -21.88
O3 SO4 S . 18.00 3.42 -20.74
O4 SO4 S . 19.75 4.49 -19.53
S SO4 T . -47.00 3.19 -13.08
O1 SO4 T . -46.05 2.28 -13.72
O2 SO4 T . -46.66 4.57 -13.42
O3 SO4 T . -48.34 2.91 -13.58
O4 SO4 T . -47.00 3.01 -11.63
S SO4 U . -24.70 1.13 9.62
O1 SO4 U . -23.33 0.65 9.83
O2 SO4 U . -25.33 0.39 8.53
O3 SO4 U . -24.66 2.55 9.27
O4 SO4 U . -25.48 0.91 10.83
S SO4 V . -37.00 -5.06 12.92
O1 SO4 V . -35.94 -6.04 13.13
O2 SO4 V . -36.60 -4.12 11.89
O3 SO4 V . -38.22 -5.74 12.50
O4 SO4 V . -37.29 -4.36 14.17
#